data_3TA3
#
_entry.id   3TA3
#
_cell.length_a   78.150
_cell.length_b   190.720
_cell.length_c   150.880
_cell.angle_alpha   90.00
_cell.angle_beta   90.00
_cell.angle_gamma   90.00
#
_symmetry.space_group_name_H-M   'C 2 2 21'
#
loop_
_entity.id
_entity.type
_entity.pdbx_description
1 polymer 'Antigen-presenting glycoprotein CD1d1'
2 polymer Beta-2-microglobulin
3 polymer 'Valpha14 chimera (mouse variable domain, human constant domain)'
4 polymer 'Vbeta8.2 chimera (mouse variable domain, human constant domain)'
5 branched 2-acetamido-2-deoxy-beta-D-glucopyranose-(1-4)-2-acetamido-2-deoxy-beta-D-glucopyranose
6 branched 2-acetamido-2-deoxy-beta-D-glucopyranose-(1-4)-[alpha-L-fucopyranose-(1-6)]2-acetamido-2-deoxy-beta-D-glucopyranose
7 non-polymer 2-acetamido-2-deoxy-beta-D-glucopyranose
8 non-polymer '(2S)-1-(alpha-D-glucopyranosyloxy)-3-(hexadecanoyloxy)propan-2-yl (11Z)-octadec-11-enoate'
9 water water
#
loop_
_entity_poly.entity_id
_entity_poly.type
_entity_poly.pdbx_seq_one_letter_code
_entity_poly.pdbx_strand_id
1 'polypeptide(L)'
;SEAQQKNYTFRCLQMSSFANRSWSRTDSVVWLGDLQTHRWSNDSATISFTKPWSQGKLSNQQWEKLQHMFQVYRVSFTRD
IQELVKMMSPKEDYPIEIQLSAGCEMYPGNASESFLHVAFQGKYVVRFWGTSWQTVPGAPSWLDLPIKVLNADQGTSATV
QMLLNDTCPLFVRGLLEAGKSDLEKQEKPVAWLSSVPSSAHGHRQLVCHVSGFYPKPVWVMWMRGDQEQQGTHRGDFLPN
ADETWYLQATLDVEAGEEAGLACRVKHSSLGGQDIILYWHHHHHH
;
A
2 'polypeptide(L)'
;IQKTPQIQVYSRHPPENGKPNILNCYVTQFHPPHIEIQMLKNGKKIPKVEMSDMSFSKDWSFYILAHTEFTPTETDTYAC
RVKHASMAEPKTVYWDRDM
;
B
3 'polypeptide(L)'
;MKTQVEQSPQSLVVRQGENCVLQCNYSVTPDNHLRWFKQDTGKGLVSLTVLVDQKDKTSNGRYSATLDKDAKHSTLHITA
TLLDDTATYICVVGDRGSALGRLHFGAGTQLIVIPDIQNPDPAVYQLRDSKSSDKSVCLFTDFDSQTNVSQSKDSDVYIT
DKCVLDMRSMDFKSNSAVAWSNKSDFACANAFNNSIIPEDTFFPSPESS
;
C
4 'polypeptide(L)'
;MEAAVTQSPRNKVAVTGGKVTLSCNQTNNHNNMYWYRQDTGHGLRLIHYSYGAGSTEKGDIPDGYKASRPSQENFSLILE
LATPSQTSVYFCASGDEGYTQYFGPGTRLLVLEDLRNVTPPKVSLFEPSKAEISHTQKATLVCLATGFYPDHVELSWWVN
GKEVHSGVCTDPQPLKEQPALNDSRYSLSSRLRVSATFWQNPRNHFRCQVQFYGLSENDEWTQDRAKPVTQIVSAEAWGR
A
;
D
#
loop_
_chem_comp.id
_chem_comp.type
_chem_comp.name
_chem_comp.formula
3TF non-polymer '(2S)-1-(alpha-D-glucopyranosyloxy)-3-(hexadecanoyloxy)propan-2-yl (11Z)-octadec-11-enoate' 'C43 H80 O10'
FUC L-saccharide, alpha linking alpha-L-fucopyranose 'C6 H12 O5'
NAG D-saccharide, beta linking 2-acetamido-2-deoxy-beta-D-glucopyranose 'C8 H15 N O6'
#
# COMPACT_ATOMS: atom_id res chain seq x y z
N ASN A 7 -41.80 8.31 -7.65
CA ASN A 7 -40.36 8.43 -8.08
C ASN A 7 -39.46 9.12 -7.03
N TYR A 8 -38.55 8.36 -6.43
CA TYR A 8 -37.65 8.89 -5.41
C TYR A 8 -36.19 8.72 -5.80
N THR A 9 -35.38 9.72 -5.45
CA THR A 9 -33.94 9.66 -5.69
C THR A 9 -33.20 9.47 -4.37
N PHE A 10 -32.35 8.45 -4.34
CA PHE A 10 -31.56 8.12 -3.18
C PHE A 10 -30.14 8.64 -3.40
N ARG A 11 -29.71 9.57 -2.55
CA ARG A 11 -28.41 10.23 -2.70
C ARG A 11 -27.48 10.03 -1.51
N CYS A 12 -26.30 9.46 -1.78
CA CYS A 12 -25.23 9.44 -0.79
C CYS A 12 -24.22 10.47 -1.22
N LEU A 13 -24.15 11.57 -0.49
CA LEU A 13 -23.27 12.67 -0.87
C LEU A 13 -22.10 12.64 0.06
N GLN A 14 -20.90 12.53 -0.52
CA GLN A 14 -19.66 12.52 0.23
C GLN A 14 -18.87 13.79 -0.06
N MET A 15 -18.30 14.38 0.99
CA MET A 15 -17.47 15.57 0.83
C MET A 15 -16.18 15.38 1.60
N SER A 16 -15.07 15.48 0.89
CA SER A 16 -13.76 15.33 1.48
C SER A 16 -12.90 16.54 1.17
N SER A 17 -12.31 17.12 2.21
CA SER A 17 -11.37 18.24 2.07
C SER A 17 -9.94 17.78 2.38
N PHE A 18 -8.96 18.31 1.66
CA PHE A 18 -7.56 18.05 1.95
C PHE A 18 -6.78 19.37 2.02
N ALA A 19 -6.46 19.85 3.21
CA ALA A 19 -5.79 21.15 3.36
C ALA A 19 -4.33 21.13 2.95
N ASN A 20 -3.68 19.99 3.18
CA ASN A 20 -2.25 19.78 2.91
C ASN A 20 -1.97 18.25 2.86
N ARG A 21 -0.70 17.84 2.93
CA ARG A 21 -0.29 16.42 2.88
C ARG A 21 -0.75 15.56 4.07
N SER A 22 -1.11 16.19 5.18
CA SER A 22 -1.40 15.45 6.40
C SER A 22 -2.85 15.58 6.89
N TRP A 23 -3.41 16.79 6.82
CA TRP A 23 -4.75 17.07 7.28
C TRP A 23 -5.80 16.78 6.21
N SER A 24 -6.77 15.93 6.54
CA SER A 24 -7.97 15.76 5.72
C SER A 24 -9.14 15.33 6.59
N ARG A 25 -10.36 15.52 6.09
CA ARG A 25 -11.58 15.01 6.75
C ARG A 25 -12.58 14.58 5.67
N THR A 26 -13.36 13.53 5.96
CA THR A 26 -14.46 13.12 5.08
C THR A 26 -15.79 13.04 5.85
N ASP A 27 -16.81 13.76 5.38
CA ASP A 27 -18.15 13.73 5.96
C ASP A 27 -19.15 13.31 4.92
N SER A 28 -20.17 12.53 5.31
CA SER A 28 -21.23 12.12 4.37
C SER A 28 -22.65 12.36 4.87
N VAL A 29 -23.59 12.58 3.96
CA VAL A 29 -25.03 12.60 4.30
C VAL A 29 -25.81 11.73 3.31
N VAL A 30 -26.94 11.20 3.76
CA VAL A 30 -27.76 10.36 2.90
C VAL A 30 -29.21 10.86 2.85
N TRP A 31 -29.75 10.97 1.64
CA TRP A 31 -31.08 11.49 1.37
C TRP A 31 -31.96 10.49 0.61
N LEU A 32 -33.23 10.41 1.01
CA LEU A 32 -34.23 9.72 0.20
C LEU A 32 -35.32 10.70 -0.18
N GLY A 33 -35.32 11.16 -1.43
CA GLY A 33 -36.10 12.34 -1.78
C GLY A 33 -35.46 13.51 -1.05
N ASP A 34 -36.26 14.24 -0.27
CA ASP A 34 -35.73 15.39 0.47
C ASP A 34 -35.64 15.14 2.00
N LEU A 35 -35.64 13.87 2.41
CA LEU A 35 -35.51 13.49 3.83
C LEU A 35 -34.18 12.82 4.11
N GLN A 36 -33.45 13.33 5.10
CA GLN A 36 -32.16 12.76 5.47
C GLN A 36 -32.36 11.40 6.09
N THR A 37 -31.59 10.41 5.66
CA THR A 37 -31.68 9.06 6.26
C THR A 37 -30.47 8.65 7.09
N HIS A 38 -29.28 8.99 6.65
CA HIS A 38 -28.08 8.70 7.44
C HIS A 38 -27.18 9.94 7.57
N ARG A 39 -26.25 9.90 8.52
CA ARG A 39 -25.09 10.78 8.47
C ARG A 39 -23.88 10.04 9.00
N TRP A 40 -22.74 10.35 8.41
CA TRP A 40 -21.48 9.79 8.85
C TRP A 40 -20.45 10.90 8.89
N SER A 41 -20.26 11.53 10.04
CA SER A 41 -19.25 12.57 10.15
C SER A 41 -17.85 11.97 10.31
N ASN A 42 -16.84 12.75 9.95
CA ASN A 42 -15.45 12.34 10.10
C ASN A 42 -15.08 11.84 11.48
N ASP A 43 -15.71 12.43 12.50
CA ASP A 43 -15.40 12.15 13.90
C ASP A 43 -15.93 10.79 14.37
N SER A 44 -16.92 10.26 13.65
CA SER A 44 -17.64 9.04 14.02
C SER A 44 -17.05 7.81 13.35
N ALA A 45 -16.85 6.76 14.12
CA ALA A 45 -16.35 5.52 13.56
C ALA A 45 -17.42 4.76 12.77
N THR A 46 -18.69 5.09 13.02
CA THR A 46 -19.82 4.38 12.44
C THR A 46 -20.84 5.35 11.84
N ILE A 47 -21.68 4.83 10.95
CA ILE A 47 -22.71 5.60 10.28
C ILE A 47 -23.92 5.71 11.18
N SER A 48 -24.47 6.91 11.30
CA SER A 48 -25.62 7.15 12.14
C SER A 48 -26.92 7.11 11.36
N PHE A 49 -27.94 6.46 11.91
CA PHE A 49 -29.29 6.53 11.37
C PHE A 49 -29.89 7.84 11.81
N THR A 50 -30.60 8.52 10.91
CA THR A 50 -31.33 9.74 11.31
C THR A 50 -32.83 9.52 11.33
N LYS A 51 -33.26 8.36 10.83
CA LYS A 51 -34.67 7.94 10.89
C LYS A 51 -34.71 6.58 11.55
N PRO A 52 -35.85 6.21 12.15
CA PRO A 52 -35.90 4.88 12.74
C PRO A 52 -35.78 3.76 11.71
N TRP A 53 -36.21 4.04 10.48
CA TRP A 53 -36.28 3.06 9.39
C TRP A 53 -35.07 3.11 8.46
N SER A 54 -34.00 3.75 8.91
CA SER A 54 -32.81 3.96 8.09
C SER A 54 -32.03 2.68 7.73
N GLN A 55 -32.16 1.64 8.54
CA GLN A 55 -31.60 0.32 8.22
C GLN A 55 -32.42 -0.34 7.10
N GLY A 56 -33.56 0.27 6.75
CA GLY A 56 -34.42 -0.26 5.69
C GLY A 56 -34.89 -1.66 6.03
N LYS A 57 -34.84 -2.56 5.06
CA LYS A 57 -35.25 -3.96 5.29
C LYS A 57 -34.03 -4.88 5.35
N LEU A 58 -32.87 -4.30 5.59
CA LEU A 58 -31.65 -5.06 5.83
C LEU A 58 -31.62 -5.78 7.19
N SER A 59 -31.14 -7.03 7.20
CA SER A 59 -30.85 -7.72 8.45
C SER A 59 -29.63 -7.09 9.11
N ASN A 60 -29.55 -7.21 10.43
CA ASN A 60 -28.39 -6.70 11.16
C ASN A 60 -27.05 -7.16 10.57
N GLN A 61 -26.86 -8.46 10.34
CA GLN A 61 -25.63 -8.97 9.71
C GLN A 61 -25.32 -8.22 8.41
N GLN A 62 -26.34 -8.01 7.58
CA GLN A 62 -26.17 -7.33 6.28
C GLN A 62 -25.71 -5.88 6.42
N TRP A 63 -26.29 -5.17 7.38
CA TRP A 63 -25.91 -3.80 7.62
C TRP A 63 -24.49 -3.71 8.18
N GLU A 64 -24.14 -4.62 9.09
CA GLU A 64 -22.80 -4.64 9.67
C GLU A 64 -21.77 -4.83 8.57
N LYS A 65 -22.04 -5.80 7.70
CA LYS A 65 -21.18 -6.12 6.56
C LYS A 65 -21.00 -4.91 5.65
N LEU A 66 -22.03 -4.09 5.57
CA LEU A 66 -22.08 -2.94 4.69
C LEU A 66 -21.38 -1.73 5.31
N GLN A 67 -21.67 -1.47 6.59
CA GLN A 67 -21.00 -0.39 7.31
C GLN A 67 -19.51 -0.64 7.28
N HIS A 68 -19.11 -1.88 7.55
CA HIS A 68 -17.70 -2.28 7.50
C HIS A 68 -17.03 -1.91 6.19
N MET A 69 -17.65 -2.31 5.07
N MET A 69 -17.67 -2.26 5.07
CA MET A 69 -17.12 -1.97 3.77
CA MET A 69 -17.10 -1.99 3.74
C MET A 69 -16.77 -0.48 3.72
C MET A 69 -16.89 -0.48 3.46
N PHE A 70 -17.76 0.37 4.01
CA PHE A 70 -17.60 1.81 3.99
C PHE A 70 -16.52 2.25 4.96
N GLN A 71 -16.51 1.68 6.16
CA GLN A 71 -15.49 2.01 7.15
C GLN A 71 -14.11 1.90 6.57
N VAL A 72 -13.86 0.82 5.83
CA VAL A 72 -12.57 0.58 5.18
C VAL A 72 -12.35 1.56 4.02
N TYR A 73 -13.41 1.83 3.28
CA TYR A 73 -13.33 2.72 2.13
C TYR A 73 -12.90 4.13 2.54
N ARG A 74 -13.44 4.62 3.65
CA ARG A 74 -13.10 5.95 4.11
C ARG A 74 -11.59 6.11 4.30
N VAL A 75 -11.00 5.09 4.91
CA VAL A 75 -9.57 5.09 5.18
C VAL A 75 -8.80 4.88 3.87
N SER A 76 -9.30 4.00 3.01
CA SER A 76 -8.65 3.78 1.71
C SER A 76 -8.70 5.02 0.86
N PHE A 77 -9.89 5.64 0.80
CA PHE A 77 -10.10 6.80 -0.04
C PHE A 77 -9.12 7.92 0.30
N THR A 78 -8.98 8.20 1.59
CA THR A 78 -8.12 9.26 2.05
C THR A 78 -6.71 9.06 1.52
N ARG A 79 -6.15 7.86 1.74
CA ARG A 79 -4.78 7.60 1.31
C ARG A 79 -4.63 7.67 -0.22
N ASP A 80 -5.63 7.14 -0.94
CA ASP A 80 -5.55 7.09 -2.38
C ASP A 80 -5.44 8.50 -2.95
N ILE A 81 -6.32 9.40 -2.52
CA ILE A 81 -6.28 10.78 -2.96
C ILE A 81 -4.91 11.40 -2.69
N GLN A 82 -4.40 11.23 -1.47
CA GLN A 82 -3.12 11.77 -1.09
C GLN A 82 -2.02 11.26 -2.00
N GLU A 83 -2.18 10.03 -2.45
CA GLU A 83 -1.19 9.41 -3.28
C GLU A 83 -1.34 9.85 -4.74
N LEU A 84 -2.60 10.04 -5.16
CA LEU A 84 -2.86 10.50 -6.51
C LEU A 84 -2.32 11.92 -6.70
N VAL A 85 -2.40 12.73 -5.63
CA VAL A 85 -1.77 14.05 -5.57
C VAL A 85 -0.25 13.93 -5.73
N LYS A 86 0.39 13.04 -4.96
CA LYS A 86 1.81 12.74 -5.12
C LYS A 86 2.18 12.33 -6.54
N MET A 87 1.29 11.61 -7.20
CA MET A 87 1.53 11.08 -8.54
C MET A 87 1.47 12.17 -9.61
N MET A 88 0.55 13.12 -9.47
CA MET A 88 0.40 14.16 -10.50
C MET A 88 1.29 15.37 -10.27
N SER A 89 1.77 15.54 -9.04
CA SER A 89 2.46 16.78 -8.66
C SER A 89 3.72 17.04 -9.53
N PRO A 90 3.97 18.32 -9.88
CA PRO A 90 3.23 19.48 -9.38
C PRO A 90 2.05 19.95 -10.26
N LYS A 91 1.44 19.02 -11.00
CA LYS A 91 0.24 19.34 -11.80
C LYS A 91 -0.90 19.87 -10.91
N GLU A 92 -1.17 19.18 -9.80
CA GLU A 92 -2.12 19.67 -8.82
C GLU A 92 -1.48 19.73 -7.44
N ASP A 93 -2.15 20.42 -6.52
CA ASP A 93 -1.67 20.56 -5.15
C ASP A 93 -2.83 20.96 -4.23
N TYR A 94 -2.60 20.82 -2.93
CA TYR A 94 -3.58 21.19 -1.92
C TYR A 94 -3.69 22.72 -1.81
N PRO A 95 -4.84 23.24 -1.34
CA PRO A 95 -6.06 22.56 -0.90
C PRO A 95 -6.77 21.81 -2.03
N ILE A 96 -7.41 20.69 -1.70
CA ILE A 96 -8.15 19.88 -2.67
C ILE A 96 -9.54 19.56 -2.13
N GLU A 97 -10.52 19.53 -3.04
CA GLU A 97 -11.89 19.28 -2.68
C GLU A 97 -12.56 18.24 -3.57
N ILE A 98 -12.92 17.11 -2.99
CA ILE A 98 -13.58 16.05 -3.74
C ILE A 98 -14.96 15.78 -3.20
N GLN A 99 -15.92 15.74 -4.12
CA GLN A 99 -17.30 15.42 -3.77
C GLN A 99 -17.75 14.21 -4.58
N LEU A 100 -18.38 13.24 -3.92
CA LEU A 100 -19.04 12.16 -4.61
C LEU A 100 -20.55 12.29 -4.48
N SER A 101 -21.27 11.82 -5.50
CA SER A 101 -22.72 11.68 -5.43
C SER A 101 -23.15 10.33 -5.98
N ALA A 102 -23.63 9.47 -5.10
CA ALA A 102 -23.92 8.11 -5.50
C ALA A 102 -25.31 7.67 -5.02
N GLY A 103 -25.97 6.86 -5.82
CA GLY A 103 -27.25 6.30 -5.45
C GLY A 103 -28.00 5.84 -6.68
N CYS A 104 -29.33 5.80 -6.55
CA CYS A 104 -30.19 5.38 -7.65
C CYS A 104 -31.51 6.13 -7.62
N GLU A 105 -32.07 6.32 -8.81
CA GLU A 105 -33.42 6.83 -8.92
C GLU A 105 -34.34 5.64 -9.15
N MET A 106 -35.39 5.55 -8.34
CA MET A 106 -36.35 4.43 -8.41
C MET A 106 -37.57 4.83 -9.18
N TYR A 107 -37.91 4.02 -10.19
CA TYR A 107 -39.11 4.25 -11.01
C TYR A 107 -40.17 3.15 -10.77
N PRO A 108 -41.34 3.24 -11.43
CA PRO A 108 -42.44 2.32 -11.10
C PRO A 108 -42.03 0.84 -11.15
N GLY A 109 -42.45 0.10 -10.13
CA GLY A 109 -42.25 -1.35 -10.05
C GLY A 109 -40.82 -1.83 -9.94
N ASN A 110 -40.30 -2.31 -11.06
CA ASN A 110 -38.97 -2.91 -11.12
C ASN A 110 -37.87 -1.93 -11.53
N ALA A 111 -38.22 -0.98 -12.40
CA ALA A 111 -37.23 -0.08 -13.00
C ALA A 111 -36.48 0.82 -12.00
N SER A 112 -35.17 0.94 -12.23
CA SER A 112 -34.28 1.85 -11.50
C SER A 112 -33.02 2.17 -12.31
N GLU A 113 -32.37 3.28 -11.96
CA GLU A 113 -31.17 3.74 -12.66
C GLU A 113 -30.16 4.29 -11.66
N SER A 114 -28.97 3.70 -11.61
CA SER A 114 -27.94 4.06 -10.63
C SER A 114 -26.88 5.03 -11.19
N PHE A 115 -26.29 5.81 -10.30
CA PHE A 115 -25.25 6.78 -10.68
C PHE A 115 -24.15 6.83 -9.64
N LEU A 116 -22.97 7.29 -10.07
CA LEU A 116 -21.87 7.63 -9.19
C LEU A 116 -21.09 8.75 -9.86
N HIS A 117 -21.16 9.93 -9.28
CA HIS A 117 -20.60 11.12 -9.92
C HIS A 117 -19.57 11.74 -9.01
N VAL A 118 -18.42 12.08 -9.58
CA VAL A 118 -17.33 12.67 -8.80
C VAL A 118 -17.03 14.09 -9.26
N ALA A 119 -16.87 15.01 -8.30
CA ALA A 119 -16.46 16.38 -8.62
C ALA A 119 -15.11 16.74 -7.99
N PHE A 120 -14.31 17.49 -8.71
CA PHE A 120 -12.99 17.90 -8.24
C PHE A 120 -12.91 19.42 -8.28
N GLN A 121 -12.74 20.03 -7.10
CA GLN A 121 -12.76 21.48 -6.96
C GLN A 121 -14.09 22.10 -7.43
N GLY A 122 -15.18 21.37 -7.16
CA GLY A 122 -16.52 21.85 -7.47
C GLY A 122 -16.95 21.66 -8.91
N LYS A 123 -16.12 21.01 -9.72
CA LYS A 123 -16.51 20.72 -11.09
C LYS A 123 -16.60 19.22 -11.29
N TYR A 124 -17.69 18.79 -11.92
CA TYR A 124 -17.95 17.38 -12.22
C TYR A 124 -16.92 16.90 -13.24
N VAL A 125 -16.14 15.90 -12.86
CA VAL A 125 -15.07 15.42 -13.76
C VAL A 125 -15.09 13.90 -14.05
N VAL A 126 -15.56 13.10 -13.10
CA VAL A 126 -15.51 11.65 -13.22
C VAL A 126 -16.85 11.01 -12.87
N ARG A 127 -17.14 9.89 -13.51
CA ARG A 127 -18.28 9.05 -13.12
C ARG A 127 -17.90 7.60 -13.24
N PHE A 128 -18.54 6.76 -12.45
CA PHE A 128 -18.52 5.33 -12.74
C PHE A 128 -19.62 5.06 -13.74
N TRP A 129 -19.27 4.37 -14.82
CA TRP A 129 -20.24 4.00 -15.86
C TRP A 129 -19.93 2.62 -16.43
N GLY A 130 -20.93 1.76 -16.46
CA GLY A 130 -20.76 0.42 -17.02
C GLY A 130 -19.93 -0.43 -16.10
N THR A 131 -18.68 -0.68 -16.50
CA THR A 131 -17.74 -1.50 -15.72
C THR A 131 -16.45 -0.77 -15.34
N SER A 132 -16.40 0.53 -15.59
CA SER A 132 -15.18 1.29 -15.30
C SER A 132 -15.45 2.76 -14.97
N TRP A 133 -14.43 3.43 -14.45
CA TRP A 133 -14.45 4.87 -14.31
C TRP A 133 -14.17 5.51 -15.67
N GLN A 134 -14.82 6.64 -15.93
CA GLN A 134 -14.48 7.45 -17.09
C GLN A 134 -14.63 8.94 -16.80
N THR A 135 -13.89 9.74 -17.55
CA THR A 135 -14.01 11.19 -17.46
C THR A 135 -15.22 11.63 -18.26
N VAL A 136 -15.77 12.77 -17.87
CA VAL A 136 -16.92 13.34 -18.57
C VAL A 136 -16.47 14.53 -19.43
N PRO A 137 -17.32 15.00 -20.35
CA PRO A 137 -16.93 16.17 -21.17
C PRO A 137 -16.49 17.37 -20.33
N GLY A 138 -15.33 17.93 -20.66
CA GLY A 138 -14.80 19.09 -19.97
C GLY A 138 -13.67 18.83 -19.00
N ALA A 139 -13.54 17.58 -18.56
CA ALA A 139 -12.51 17.17 -17.61
C ALA A 139 -11.14 17.42 -18.21
N PRO A 140 -10.16 17.79 -17.36
CA PRO A 140 -8.80 17.99 -17.87
C PRO A 140 -8.06 16.68 -18.12
N SER A 141 -7.40 16.59 -19.26
CA SER A 141 -6.63 15.40 -19.68
C SER A 141 -5.73 14.71 -18.64
N TRP A 142 -5.22 15.47 -17.66
CA TRP A 142 -4.30 14.88 -16.69
C TRP A 142 -4.99 13.79 -15.89
N LEU A 143 -6.32 13.86 -15.84
CA LEU A 143 -7.13 12.91 -15.11
C LEU A 143 -7.05 11.51 -15.73
N ASP A 144 -6.59 11.44 -16.97
CA ASP A 144 -6.36 10.17 -17.62
C ASP A 144 -5.39 9.24 -16.86
N LEU A 145 -4.40 9.77 -16.16
CA LEU A 145 -3.52 8.89 -15.36
C LEU A 145 -4.23 8.29 -14.14
N PRO A 146 -4.90 9.13 -13.32
CA PRO A 146 -5.74 8.57 -12.25
C PRO A 146 -6.80 7.56 -12.72
N ILE A 147 -7.49 7.85 -13.83
CA ILE A 147 -8.49 6.94 -14.35
C ILE A 147 -7.84 5.61 -14.73
N LYS A 148 -6.72 5.69 -15.44
CA LYS A 148 -5.94 4.51 -15.77
C LYS A 148 -5.56 3.73 -14.48
N VAL A 149 -5.20 4.44 -13.42
CA VAL A 149 -4.80 3.79 -12.17
C VAL A 149 -6.00 3.17 -11.45
N LEU A 150 -7.06 3.96 -11.27
CA LEU A 150 -8.28 3.46 -10.66
C LEU A 150 -8.84 2.26 -11.40
N ASN A 151 -8.90 2.30 -12.73
CA ASN A 151 -9.45 1.17 -13.50
C ASN A 151 -8.60 -0.07 -13.52
N ALA A 152 -7.37 0.03 -13.00
CA ALA A 152 -6.49 -1.13 -12.92
C ALA A 152 -6.98 -2.08 -11.82
N ASP A 153 -7.68 -1.53 -10.83
CA ASP A 153 -8.16 -2.22 -9.64
C ASP A 153 -9.44 -3.02 -9.90
N GLN A 154 -9.31 -4.28 -10.27
CA GLN A 154 -10.45 -5.10 -10.66
C GLN A 154 -11.41 -5.31 -9.48
N GLY A 155 -10.84 -5.48 -8.29
CA GLY A 155 -11.60 -5.63 -7.04
C GLY A 155 -12.51 -4.46 -6.74
N THR A 156 -12.02 -3.23 -6.89
CA THR A 156 -12.85 -2.07 -6.64
C THR A 156 -13.98 -2.04 -7.66
N SER A 157 -13.65 -2.33 -8.91
CA SER A 157 -14.62 -2.35 -10.00
C SER A 157 -15.79 -3.29 -9.69
N ALA A 158 -15.50 -4.56 -9.48
CA ALA A 158 -16.54 -5.54 -9.17
C ALA A 158 -17.42 -5.10 -8.01
N THR A 159 -16.81 -4.55 -6.95
CA THR A 159 -17.56 -4.09 -5.78
C THR A 159 -18.47 -2.92 -6.16
N VAL A 160 -17.91 -1.88 -6.78
CA VAL A 160 -18.71 -0.73 -7.18
C VAL A 160 -19.87 -1.13 -8.11
N GLN A 161 -19.57 -1.99 -9.09
CA GLN A 161 -20.62 -2.59 -9.94
C GLN A 161 -21.71 -3.25 -9.11
N MET A 162 -21.32 -4.04 -8.11
CA MET A 162 -22.28 -4.71 -7.24
C MET A 162 -23.13 -3.71 -6.44
N LEU A 163 -22.50 -2.65 -5.95
CA LEU A 163 -23.20 -1.63 -5.17
C LEU A 163 -24.25 -0.90 -6.00
N LEU A 164 -23.91 -0.58 -7.25
CA LEU A 164 -24.76 0.23 -8.10
C LEU A 164 -25.86 -0.60 -8.74
N ASN A 165 -25.50 -1.75 -9.32
CA ASN A 165 -26.48 -2.59 -10.00
C ASN A 165 -27.44 -3.32 -9.05
N ASP A 166 -26.90 -3.82 -7.93
CA ASP A 166 -27.66 -4.71 -7.06
C ASP A 166 -28.05 -4.07 -5.72
N THR A 167 -27.06 -3.70 -4.92
CA THR A 167 -27.30 -3.34 -3.53
C THR A 167 -28.17 -2.10 -3.40
N CYS A 168 -27.90 -1.08 -4.22
CA CYS A 168 -28.62 0.17 -4.12
C CYS A 168 -30.13 0.00 -4.36
N PRO A 169 -30.54 -0.41 -5.57
CA PRO A 169 -31.98 -0.59 -5.76
C PRO A 169 -32.64 -1.46 -4.69
N LEU A 170 -32.03 -2.59 -4.36
CA LEU A 170 -32.58 -3.48 -3.33
C LEU A 170 -32.77 -2.76 -2.00
N PHE A 171 -31.74 -2.03 -1.58
CA PHE A 171 -31.77 -1.29 -0.33
C PHE A 171 -32.88 -0.25 -0.31
N VAL A 172 -33.04 0.44 -1.44
CA VAL A 172 -34.00 1.52 -1.52
C VAL A 172 -35.45 1.01 -1.59
N ARG A 173 -35.69 -0.12 -2.25
CA ARG A 173 -37.03 -0.68 -2.25
C ARG A 173 -37.45 -0.95 -0.80
N GLY A 174 -36.51 -1.42 0.01
CA GLY A 174 -36.76 -1.67 1.41
C GLY A 174 -36.97 -0.40 2.20
N LEU A 175 -36.16 0.62 1.89
CA LEU A 175 -36.30 1.92 2.55
C LEU A 175 -37.69 2.51 2.37
N LEU A 176 -38.22 2.42 1.15
CA LEU A 176 -39.51 3.02 0.82
C LEU A 176 -40.66 2.34 1.55
N GLU A 177 -40.53 1.03 1.74
CA GLU A 177 -41.49 0.29 2.54
C GLU A 177 -41.40 0.77 3.98
N ALA A 178 -40.22 0.64 4.57
CA ALA A 178 -40.01 0.95 5.99
C ALA A 178 -40.37 2.40 6.31
N GLY A 179 -40.14 3.28 5.35
CA GLY A 179 -40.29 4.69 5.61
C GLY A 179 -41.57 5.30 5.08
N LYS A 180 -42.54 4.46 4.71
CA LYS A 180 -43.76 4.93 4.04
C LYS A 180 -44.48 6.05 4.82
N SER A 181 -44.63 5.84 6.12
CA SER A 181 -45.24 6.82 7.03
C SER A 181 -44.65 8.21 6.89
N ASP A 182 -43.34 8.32 7.06
CA ASP A 182 -42.67 9.61 6.98
C ASP A 182 -42.72 10.20 5.57
N LEU A 183 -42.42 9.38 4.57
CA LEU A 183 -42.35 9.82 3.18
C LEU A 183 -43.68 10.36 2.68
N GLU A 184 -44.78 9.90 3.28
CA GLU A 184 -46.12 10.26 2.83
C GLU A 184 -46.86 11.16 3.82
N LYS A 185 -46.12 11.69 4.79
CA LYS A 185 -46.69 12.55 5.82
C LYS A 185 -47.22 13.83 5.20
N GLN A 186 -48.23 14.41 5.83
CA GLN A 186 -48.83 15.66 5.35
C GLN A 186 -48.83 16.73 6.44
N GLU A 187 -48.01 17.76 6.28
CA GLU A 187 -47.96 18.87 7.24
C GLU A 187 -48.54 20.15 6.63
N LYS A 188 -49.45 20.78 7.37
CA LYS A 188 -50.15 21.98 6.92
C LYS A 188 -49.27 23.23 6.98
N PRO A 189 -49.32 24.06 5.94
CA PRO A 189 -48.64 25.34 5.99
C PRO A 189 -49.38 26.36 6.84
N VAL A 190 -48.64 27.27 7.45
CA VAL A 190 -49.23 28.39 8.14
C VAL A 190 -48.74 29.64 7.42
N ALA A 191 -49.58 30.66 7.32
CA ALA A 191 -49.22 31.86 6.56
C ALA A 191 -49.35 33.19 7.33
N TRP A 192 -48.52 34.17 6.98
CA TRP A 192 -48.64 35.52 7.53
C TRP A 192 -48.18 36.60 6.56
N LEU A 193 -48.59 37.84 6.81
CA LEU A 193 -48.34 38.93 5.87
C LEU A 193 -47.53 40.08 6.46
N SER A 194 -46.80 40.78 5.59
CA SER A 194 -45.89 41.83 5.98
C SER A 194 -45.58 42.72 4.77
N SER A 195 -45.14 43.95 5.04
CA SER A 195 -44.73 44.87 3.99
C SER A 195 -43.36 45.48 4.29
N VAL A 196 -42.65 45.89 3.23
CA VAL A 196 -41.35 46.58 3.36
C VAL A 196 -41.34 47.87 2.52
N PRO A 197 -40.53 48.90 2.93
CA PRO A 197 -40.56 50.21 2.24
C PRO A 197 -40.02 50.21 0.81
N ARG A 204 -44.05 50.03 -2.30
CA ARG A 204 -44.07 49.10 -1.18
C ARG A 204 -44.20 47.64 -1.65
N GLN A 205 -43.43 46.75 -1.04
CA GLN A 205 -43.47 45.33 -1.40
C GLN A 205 -44.15 44.49 -0.31
N LEU A 206 -45.16 43.73 -0.71
CA LEU A 206 -45.89 42.83 0.18
C LEU A 206 -45.29 41.43 0.16
N VAL A 207 -45.24 40.78 1.32
CA VAL A 207 -44.64 39.45 1.44
C VAL A 207 -45.65 38.49 2.04
N CYS A 208 -45.99 37.45 1.28
CA CYS A 208 -46.78 36.38 1.85
C CYS A 208 -45.84 35.27 2.33
N HIS A 209 -45.78 35.07 3.64
CA HIS A 209 -44.91 34.03 4.22
C HIS A 209 -45.69 32.73 4.40
N VAL A 210 -45.16 31.65 3.82
CA VAL A 210 -45.80 30.36 3.94
C VAL A 210 -44.81 29.40 4.58
N SER A 211 -45.15 28.85 5.74
CA SER A 211 -44.20 28.01 6.47
C SER A 211 -44.80 26.75 7.10
N GLY A 212 -44.00 25.68 7.10
CA GLY A 212 -44.35 24.46 7.80
C GLY A 212 -44.99 23.35 6.99
N PHE A 213 -44.99 23.45 5.66
CA PHE A 213 -45.71 22.47 4.83
C PHE A 213 -44.84 21.29 4.37
N TYR A 214 -45.47 20.13 4.25
CA TYR A 214 -44.82 18.97 3.62
C TYR A 214 -45.88 18.14 2.89
N PRO A 215 -45.59 17.68 1.66
CA PRO A 215 -44.34 17.81 0.89
C PRO A 215 -44.14 19.16 0.20
N LYS A 216 -43.03 19.25 -0.55
CA LYS A 216 -42.56 20.45 -1.24
C LYS A 216 -43.57 21.12 -2.21
N PRO A 217 -44.31 20.33 -3.04
CA PRO A 217 -45.26 21.01 -3.97
C PRO A 217 -46.33 21.87 -3.27
N VAL A 218 -46.34 23.16 -3.59
CA VAL A 218 -47.29 24.12 -3.02
C VAL A 218 -47.64 25.19 -4.05
N TRP A 219 -48.80 25.82 -3.90
CA TRP A 219 -49.20 26.93 -4.76
C TRP A 219 -49.44 28.18 -3.90
N VAL A 220 -48.86 29.31 -4.30
CA VAL A 220 -48.97 30.55 -3.52
C VAL A 220 -49.11 31.74 -4.46
N MET A 221 -50.22 32.47 -4.36
CA MET A 221 -50.47 33.60 -5.25
C MET A 221 -51.17 34.73 -4.53
N TRP A 222 -50.81 35.95 -4.92
CA TRP A 222 -51.54 37.13 -4.48
C TRP A 222 -52.76 37.31 -5.38
N MET A 223 -53.89 37.68 -4.78
CA MET A 223 -55.14 37.81 -5.53
C MET A 223 -56.01 38.98 -5.08
N ARG A 224 -56.62 39.66 -6.05
CA ARG A 224 -57.75 40.56 -5.81
C ARG A 224 -59.01 39.82 -6.26
N GLY A 225 -59.58 39.06 -5.33
CA GLY A 225 -60.72 38.20 -5.62
C GLY A 225 -60.34 37.04 -6.52
N ASP A 226 -61.04 36.92 -7.64
CA ASP A 226 -60.79 35.87 -8.62
C ASP A 226 -59.61 36.19 -9.54
N GLN A 227 -59.25 37.47 -9.64
CA GLN A 227 -58.14 37.93 -10.48
C GLN A 227 -56.76 37.53 -9.92
N GLU A 228 -56.03 36.76 -10.73
CA GLU A 228 -54.70 36.26 -10.36
C GLU A 228 -53.63 37.31 -10.64
N GLN A 229 -52.97 37.80 -9.60
CA GLN A 229 -52.01 38.89 -9.75
C GLN A 229 -50.66 38.43 -10.32
N GLN A 230 -50.38 38.81 -11.56
CA GLN A 230 -49.03 38.69 -12.12
C GLN A 230 -48.11 39.65 -11.35
N GLY A 231 -46.82 39.38 -11.36
CA GLY A 231 -45.89 40.21 -10.60
C GLY A 231 -45.61 39.60 -9.24
N THR A 232 -46.47 38.66 -8.84
CA THR A 232 -46.21 37.74 -7.72
C THR A 232 -44.91 36.99 -8.01
N HIS A 233 -43.89 37.22 -7.18
CA HIS A 233 -42.62 36.51 -7.31
C HIS A 233 -42.37 35.61 -6.11
N ARG A 234 -42.52 34.30 -6.30
CA ARG A 234 -42.14 33.33 -5.28
C ARG A 234 -40.62 33.16 -5.25
N GLY A 235 -40.06 33.06 -4.05
CA GLY A 235 -38.62 32.83 -3.89
C GLY A 235 -38.29 31.36 -4.00
N ASP A 236 -37.28 30.90 -3.26
CA ASP A 236 -36.91 29.49 -3.26
C ASP A 236 -37.52 28.76 -2.08
N PHE A 237 -37.59 27.43 -2.18
CA PHE A 237 -38.00 26.62 -1.05
C PHE A 237 -36.85 26.57 -0.06
N LEU A 238 -37.09 27.16 1.11
CA LEU A 238 -36.13 27.18 2.20
C LEU A 238 -36.53 26.16 3.26
N PRO A 239 -35.56 25.43 3.84
CA PRO A 239 -35.93 24.41 4.80
C PRO A 239 -36.07 24.91 6.24
N ASN A 240 -37.02 24.32 6.97
CA ASN A 240 -37.07 24.45 8.42
C ASN A 240 -36.23 23.33 9.08
N ALA A 241 -36.02 23.40 10.38
CA ALA A 241 -35.20 22.39 11.08
C ALA A 241 -35.96 21.08 11.30
N ASP A 242 -37.30 21.17 11.31
CA ASP A 242 -38.17 20.04 11.61
C ASP A 242 -38.58 19.26 10.36
N GLU A 243 -37.90 19.52 9.25
CA GLU A 243 -38.12 18.83 7.97
C GLU A 243 -39.45 19.17 7.32
N THR A 244 -39.83 20.44 7.45
CA THR A 244 -40.92 21.01 6.67
C THR A 244 -40.29 22.08 5.81
N TRP A 245 -41.07 22.76 4.98
CA TRP A 245 -40.54 23.77 4.08
C TRP A 245 -41.05 25.17 4.35
N TYR A 246 -40.28 26.17 3.91
CA TYR A 246 -40.64 27.57 4.00
C TYR A 246 -40.53 28.17 2.61
N LEU A 247 -41.55 28.92 2.20
CA LEU A 247 -41.52 29.67 0.94
C LEU A 247 -42.22 31.01 1.14
N GLN A 248 -41.74 32.03 0.43
CA GLN A 248 -42.44 33.31 0.41
C GLN A 248 -42.65 33.87 -0.99
N ALA A 249 -43.74 34.61 -1.16
CA ALA A 249 -44.06 35.30 -2.43
C ALA A 249 -44.17 36.80 -2.23
N THR A 250 -43.42 37.55 -3.03
CA THR A 250 -43.50 39.02 -3.01
C THR A 250 -44.28 39.53 -4.21
N LEU A 251 -45.14 40.51 -3.97
CA LEU A 251 -45.83 41.24 -5.02
C LEU A 251 -45.44 42.72 -4.92
N ASP A 252 -45.06 43.30 -6.05
CA ASP A 252 -44.76 44.72 -6.10
C ASP A 252 -46.07 45.50 -6.26
N VAL A 253 -46.26 46.52 -5.42
CA VAL A 253 -47.49 47.32 -5.42
C VAL A 253 -47.25 48.81 -5.09
N GLU A 254 -48.07 49.69 -5.68
CA GLU A 254 -48.01 51.12 -5.39
C GLU A 254 -48.48 51.43 -3.97
N ALA A 255 -47.85 52.43 -3.36
CA ALA A 255 -48.23 52.88 -2.01
C ALA A 255 -49.68 53.40 -1.98
N GLY A 256 -50.48 52.84 -1.08
CA GLY A 256 -51.91 53.16 -1.00
C GLY A 256 -52.73 52.35 -1.98
N GLU A 257 -52.56 51.03 -1.95
CA GLU A 257 -53.24 50.10 -2.89
C GLU A 257 -53.42 48.70 -2.33
N GLU A 258 -53.01 48.50 -1.08
CA GLU A 258 -53.08 47.19 -0.43
C GLU A 258 -54.52 46.72 -0.23
N ALA A 259 -55.48 47.65 -0.28
CA ALA A 259 -56.90 47.33 -0.12
C ALA A 259 -57.35 46.22 -1.09
N GLY A 260 -57.98 45.18 -0.54
CA GLY A 260 -58.52 44.08 -1.33
C GLY A 260 -57.52 43.00 -1.74
N LEU A 261 -56.28 43.10 -1.29
CA LEU A 261 -55.26 42.13 -1.67
C LEU A 261 -55.20 40.96 -0.71
N ALA A 262 -55.32 39.76 -1.29
CA ALA A 262 -55.32 38.52 -0.54
C ALA A 262 -54.12 37.66 -0.92
N CYS A 263 -53.70 36.77 -0.02
CA CYS A 263 -52.76 35.73 -0.38
C CYS A 263 -53.46 34.37 -0.30
N ARG A 264 -53.44 33.63 -1.40
CA ARG A 264 -54.11 32.35 -1.44
C ARG A 264 -53.09 31.23 -1.55
N VAL A 265 -53.22 30.23 -0.66
CA VAL A 265 -52.32 29.09 -0.65
C VAL A 265 -53.10 27.78 -0.82
N LYS A 266 -52.61 26.93 -1.72
CA LYS A 266 -53.12 25.57 -1.91
C LYS A 266 -52.01 24.57 -1.54
N HIS A 267 -52.41 23.50 -0.85
CA HIS A 267 -51.50 22.41 -0.49
C HIS A 267 -52.26 21.12 -0.21
N SER A 268 -51.64 20.00 -0.55
CA SER A 268 -52.21 18.67 -0.37
C SER A 268 -52.69 18.38 1.07
N SER A 269 -52.06 19.05 2.04
CA SER A 269 -52.37 18.88 3.45
C SER A 269 -53.71 19.51 3.82
N LEU A 270 -53.99 20.66 3.21
CA LEU A 270 -55.20 21.43 3.54
C LEU A 270 -56.47 20.77 3.04
N GLY A 271 -56.30 19.87 2.07
CA GLY A 271 -57.39 19.11 1.48
C GLY A 271 -58.58 19.96 1.12
N GLY A 272 -58.42 20.80 0.09
CA GLY A 272 -59.53 21.55 -0.47
C GLY A 272 -59.76 22.95 0.06
N GLN A 273 -59.67 23.11 1.38
CA GLN A 273 -59.87 24.41 1.98
C GLN A 273 -58.58 25.23 1.95
N ASP A 274 -58.47 26.07 0.93
CA ASP A 274 -57.31 26.95 0.74
C ASP A 274 -57.16 27.94 1.87
N ILE A 275 -55.96 28.46 2.06
CA ILE A 275 -55.75 29.53 3.01
C ILE A 275 -55.86 30.86 2.29
N ILE A 276 -56.73 31.73 2.77
CA ILE A 276 -56.88 33.07 2.22
C ILE A 276 -56.62 34.12 3.31
N LEU A 277 -55.60 34.95 3.11
CA LEU A 277 -55.31 36.06 4.03
C LEU A 277 -55.57 37.43 3.39
N TYR A 278 -55.78 38.46 4.20
CA TYR A 278 -56.07 39.81 3.70
C TYR A 278 -55.29 40.90 4.48
N TRP A 279 -54.90 41.98 3.79
CA TRP A 279 -54.24 43.13 4.44
C TRP A 279 -55.22 44.26 4.74
N GLN B 2 -13.60 29.84 -6.25
CA GLN B 2 -14.38 30.26 -5.06
C GLN B 2 -15.78 30.79 -5.40
N LYS B 3 -16.75 30.49 -4.53
CA LYS B 3 -18.11 31.01 -4.68
C LYS B 3 -18.64 31.66 -3.38
N THR B 4 -19.34 32.78 -3.55
CA THR B 4 -19.88 33.59 -2.45
C THR B 4 -21.06 32.90 -1.74
N PRO B 5 -21.13 32.99 -0.39
CA PRO B 5 -22.29 32.46 0.33
C PRO B 5 -23.52 33.37 0.20
N GLN B 6 -24.68 32.79 -0.09
CA GLN B 6 -25.94 33.51 0.03
C GLN B 6 -26.62 33.15 1.37
N ILE B 7 -27.00 34.18 2.13
CA ILE B 7 -27.54 34.01 3.47
C ILE B 7 -28.99 34.50 3.54
N GLN B 8 -29.86 33.66 4.09
CA GLN B 8 -31.27 34.01 4.28
C GLN B 8 -31.77 33.75 5.70
N VAL B 9 -32.23 34.81 6.35
CA VAL B 9 -32.75 34.69 7.71
C VAL B 9 -34.26 34.74 7.67
N TYR B 10 -34.90 33.80 8.38
CA TYR B 10 -36.36 33.68 8.40
C TYR B 10 -36.80 32.87 9.63
N SER B 11 -38.04 33.09 10.10
CA SER B 11 -38.57 32.42 11.29
C SER B 11 -39.48 31.22 10.96
N ARG B 12 -39.62 30.29 11.91
CA ARG B 12 -40.32 29.04 11.66
C ARG B 12 -41.83 29.23 11.73
N HIS B 13 -42.26 30.00 12.72
CA HIS B 13 -43.66 30.32 12.92
C HIS B 13 -43.82 31.83 12.74
N PRO B 14 -45.04 32.30 12.44
CA PRO B 14 -45.26 33.75 12.39
C PRO B 14 -44.76 34.44 13.67
N PRO B 15 -43.97 35.52 13.54
CA PRO B 15 -43.33 36.14 14.70
C PRO B 15 -44.32 36.92 15.55
N GLU B 16 -44.32 36.68 16.86
CA GLU B 16 -45.15 37.45 17.79
C GLU B 16 -44.30 37.98 18.95
N ASN B 17 -44.40 39.28 19.22
CA ASN B 17 -43.59 39.84 20.29
C ASN B 17 -43.79 39.09 21.60
N GLY B 18 -42.68 38.82 22.28
CA GLY B 18 -42.71 38.08 23.55
C GLY B 18 -43.24 36.67 23.47
N LYS B 19 -43.12 36.06 22.29
CA LYS B 19 -43.66 34.71 22.07
C LYS B 19 -42.59 33.79 21.45
N PRO B 20 -42.12 32.78 22.23
CA PRO B 20 -41.10 31.81 21.81
C PRO B 20 -41.26 31.29 20.38
N ASN B 21 -40.12 31.15 19.68
CA ASN B 21 -40.07 30.81 18.26
C ASN B 21 -38.69 30.25 17.94
N ILE B 22 -38.49 29.88 16.67
CA ILE B 22 -37.20 29.38 16.18
C ILE B 22 -36.76 30.23 14.99
N LEU B 23 -35.50 30.67 15.02
CA LEU B 23 -34.93 31.49 13.93
C LEU B 23 -33.96 30.67 13.07
N ASN B 24 -34.21 30.64 11.76
CA ASN B 24 -33.41 29.88 10.82
C ASN B 24 -32.42 30.76 10.05
N CYS B 25 -31.22 30.23 9.86
CA CYS B 25 -30.25 30.87 8.98
C CYS B 25 -29.76 29.91 7.90
N TYR B 26 -30.29 30.08 6.70
CA TYR B 26 -29.97 29.23 5.55
C TYR B 26 -28.82 29.82 4.73
N VAL B 27 -27.70 29.09 4.71
CA VAL B 27 -26.48 29.53 4.03
C VAL B 27 -26.16 28.58 2.88
N THR B 28 -26.19 29.12 1.67
CA THR B 28 -26.12 28.32 0.46
C THR B 28 -25.05 28.84 -0.48
N GLN B 29 -24.80 28.07 -1.54
CA GLN B 29 -24.08 28.52 -2.74
C GLN B 29 -22.58 28.78 -2.59
N PHE B 30 -21.95 28.24 -1.55
CA PHE B 30 -20.54 28.51 -1.29
C PHE B 30 -19.61 27.36 -1.65
N HIS B 31 -18.36 27.72 -1.92
CA HIS B 31 -17.28 26.75 -2.17
C HIS B 31 -15.95 27.47 -1.92
N PRO B 32 -15.02 26.85 -1.14
CA PRO B 32 -15.01 25.51 -0.52
C PRO B 32 -15.95 25.37 0.69
N PRO B 33 -16.14 24.12 1.18
CA PRO B 33 -17.08 23.85 2.27
C PRO B 33 -16.73 24.47 3.63
N HIS B 34 -15.46 24.75 3.88
CA HIS B 34 -15.07 25.36 5.15
C HIS B 34 -15.77 26.72 5.39
N ILE B 35 -16.58 26.79 6.43
CA ILE B 35 -17.36 27.99 6.72
C ILE B 35 -17.51 28.25 8.23
N GLU B 36 -17.73 29.51 8.60
CA GLU B 36 -17.94 29.81 10.00
C GLU B 36 -19.23 30.64 10.17
N ILE B 37 -20.26 30.01 10.75
CA ILE B 37 -21.57 30.64 10.87
C ILE B 37 -21.89 30.96 12.33
N GLN B 38 -22.32 32.21 12.57
CA GLN B 38 -22.66 32.72 13.88
C GLN B 38 -24.06 33.32 13.85
N MET B 39 -24.84 33.04 14.88
CA MET B 39 -26.15 33.71 15.03
C MET B 39 -26.08 34.71 16.17
N LEU B 40 -26.41 35.95 15.86
CA LEU B 40 -26.18 37.07 16.77
C LEU B 40 -27.45 37.65 17.34
N LYS B 41 -27.37 38.04 18.61
CA LYS B 41 -28.42 38.78 19.24
C LYS B 41 -27.83 40.12 19.63
N ASN B 42 -28.40 41.19 19.09
CA ASN B 42 -27.95 42.54 19.35
C ASN B 42 -26.45 42.69 19.15
N GLY B 43 -25.90 41.76 18.37
CA GLY B 43 -24.51 41.73 18.02
C GLY B 43 -23.67 40.72 18.78
N LYS B 44 -24.26 40.08 19.78
CA LYS B 44 -23.55 39.09 20.60
C LYS B 44 -23.92 37.68 20.16
N LYS B 45 -22.93 36.78 20.17
CA LYS B 45 -23.14 35.39 19.79
C LYS B 45 -24.11 34.68 20.75
N ILE B 46 -25.18 34.15 20.17
CA ILE B 46 -26.09 33.22 20.84
C ILE B 46 -25.33 31.91 21.03
N PRO B 47 -25.44 31.29 22.23
CA PRO B 47 -24.81 29.98 22.39
C PRO B 47 -25.80 28.86 22.08
N LYS B 48 -25.33 27.62 22.07
CA LYS B 48 -26.21 26.46 21.88
C LYS B 48 -26.96 26.52 20.54
N VAL B 49 -26.28 27.00 19.50
CA VAL B 49 -26.85 27.09 18.15
C VAL B 49 -26.67 25.75 17.46
N GLU B 50 -27.74 25.26 16.86
CA GLU B 50 -27.72 23.96 16.21
C GLU B 50 -27.49 24.08 14.71
N MET B 51 -26.77 23.11 14.17
CA MET B 51 -26.43 23.08 12.75
C MET B 51 -26.93 21.81 12.15
N SER B 52 -27.59 21.90 10.99
CA SER B 52 -27.83 20.69 10.22
C SER B 52 -26.48 20.23 9.71
N ASP B 53 -26.38 18.98 9.30
CA ASP B 53 -25.18 18.53 8.63
C ASP B 53 -25.02 19.34 7.34
N MET B 54 -23.77 19.57 6.94
CA MET B 54 -23.54 20.14 5.63
C MET B 54 -23.92 19.16 4.54
N SER B 55 -24.43 19.70 3.45
CA SER B 55 -24.76 18.93 2.26
C SER B 55 -24.59 19.83 1.04
N PHE B 56 -24.81 19.28 -0.15
CA PHE B 56 -24.70 20.07 -1.36
C PHE B 56 -25.76 19.64 -2.34
N SER B 57 -26.12 20.55 -3.24
CA SER B 57 -27.17 20.31 -4.24
C SER B 57 -26.65 19.71 -5.56
N LYS B 58 -27.52 19.51 -6.54
CA LYS B 58 -27.11 18.90 -7.83
C LYS B 58 -26.00 19.69 -8.53
N ASP B 59 -25.99 21.02 -8.32
CA ASP B 59 -25.00 21.92 -8.92
C ASP B 59 -23.64 21.92 -8.21
N TRP B 60 -23.50 21.05 -7.21
CA TRP B 60 -22.25 20.84 -6.46
C TRP B 60 -21.94 21.90 -5.41
N SER B 61 -22.86 22.84 -5.23
CA SER B 61 -22.63 23.92 -4.27
C SER B 61 -23.14 23.55 -2.87
N PHE B 62 -22.39 23.95 -1.85
CA PHE B 62 -22.69 23.57 -0.49
C PHE B 62 -23.82 24.39 0.13
N TYR B 63 -24.48 23.78 1.12
CA TYR B 63 -25.49 24.47 1.91
C TYR B 63 -25.56 23.89 3.32
N ILE B 64 -26.04 24.70 4.25
CA ILE B 64 -26.19 24.27 5.63
C ILE B 64 -27.27 25.11 6.32
N LEU B 65 -27.94 24.54 7.31
CA LEU B 65 -28.97 25.26 8.05
C LEU B 65 -28.58 25.45 9.51
N ALA B 66 -28.40 26.70 9.91
CA ALA B 66 -28.26 26.98 11.31
C ALA B 66 -29.62 27.44 11.81
N HIS B 67 -29.92 27.05 13.06
CA HIS B 67 -31.15 27.46 13.72
C HIS B 67 -30.93 27.54 15.23
N THR B 68 -31.78 28.35 15.87
CA THR B 68 -31.72 28.59 17.30
C THR B 68 -33.11 29.00 17.80
N GLU B 69 -33.34 28.86 19.10
CA GLU B 69 -34.58 29.30 19.72
C GLU B 69 -34.45 30.79 20.02
N PHE B 70 -35.49 31.57 19.69
CA PHE B 70 -35.46 32.98 20.04
C PHE B 70 -36.85 33.47 20.41
N THR B 71 -36.89 34.57 21.15
CA THR B 71 -38.11 35.32 21.40
C THR B 71 -37.96 36.68 20.74
N PRO B 72 -38.81 36.98 19.74
CA PRO B 72 -38.74 38.30 19.13
C PRO B 72 -39.41 39.34 20.04
N THR B 73 -38.79 40.51 20.17
CA THR B 73 -39.38 41.62 20.91
C THR B 73 -39.23 42.90 20.11
N GLU B 74 -40.07 43.90 20.39
CA GLU B 74 -39.98 45.20 19.71
C GLU B 74 -38.55 45.74 19.65
N THR B 75 -37.71 45.34 20.60
CA THR B 75 -36.46 46.04 20.85
C THR B 75 -35.17 45.27 20.53
N ASP B 76 -35.28 43.98 20.20
CA ASP B 76 -34.12 43.13 19.92
C ASP B 76 -33.85 42.93 18.44
N THR B 77 -32.57 42.99 18.05
CA THR B 77 -32.16 42.69 16.67
C THR B 77 -31.39 41.38 16.61
N TYR B 78 -31.74 40.57 15.61
CA TYR B 78 -31.12 39.27 15.41
C TYR B 78 -30.43 39.24 14.05
N ALA B 79 -29.31 38.51 13.97
CA ALA B 79 -28.54 38.45 12.73
C ALA B 79 -27.86 37.11 12.47
N CYS B 80 -27.40 36.94 11.24
CA CYS B 80 -26.57 35.80 10.90
C CYS B 80 -25.25 36.28 10.29
N ARG B 81 -24.13 35.79 10.83
CA ARG B 81 -22.81 36.28 10.49
C ARG B 81 -21.96 35.15 9.92
N VAL B 82 -21.58 35.28 8.66
CA VAL B 82 -20.85 34.23 7.94
C VAL B 82 -19.45 34.68 7.54
N LYS B 83 -18.43 33.88 7.89
CA LYS B 83 -17.07 34.09 7.41
C LYS B 83 -16.67 32.97 6.46
N HIS B 84 -16.04 33.33 5.34
CA HIS B 84 -15.65 32.39 4.29
C HIS B 84 -14.44 32.94 3.53
N ALA B 85 -13.64 32.05 2.93
CA ALA B 85 -12.43 32.45 2.18
C ALA B 85 -12.78 33.42 1.03
N SER B 86 -13.94 33.18 0.41
CA SER B 86 -14.43 33.95 -0.73
C SER B 86 -14.63 35.44 -0.42
N MET B 87 -14.79 35.76 0.86
CA MET B 87 -15.00 37.16 1.25
C MET B 87 -13.81 37.72 2.02
N ALA B 88 -13.53 38.99 1.82
CA ALA B 88 -12.49 39.68 2.57
C ALA B 88 -12.97 39.91 4.00
N GLU B 89 -14.19 40.42 4.11
CA GLU B 89 -14.79 40.70 5.42
C GLU B 89 -15.97 39.77 5.62
N PRO B 90 -16.32 39.49 6.90
CA PRO B 90 -17.52 38.69 7.17
C PRO B 90 -18.82 39.45 6.87
N LYS B 91 -19.80 38.73 6.35
CA LYS B 91 -21.07 39.28 5.87
C LYS B 91 -22.13 39.11 6.94
N THR B 92 -22.84 40.17 7.24
CA THR B 92 -23.91 40.11 8.23
C THR B 92 -25.29 40.36 7.61
N VAL B 93 -26.20 39.38 7.74
CA VAL B 93 -27.57 39.58 7.31
C VAL B 93 -28.48 39.65 8.54
N TYR B 94 -29.27 40.72 8.60
CA TYR B 94 -30.18 40.95 9.71
C TYR B 94 -31.58 40.38 9.50
N TRP B 95 -32.21 39.95 10.58
CA TRP B 95 -33.57 39.48 10.52
C TRP B 95 -34.53 40.67 10.54
N ASP B 96 -35.39 40.72 9.52
CA ASP B 96 -36.45 41.71 9.40
C ASP B 96 -37.74 41.03 8.96
N ARG B 97 -38.84 41.38 9.62
CA ARG B 97 -40.18 40.81 9.32
C ARG B 97 -40.71 41.24 7.94
N THR C 3 3.90 -5.19 13.63
CA THR C 3 4.04 -5.88 12.30
C THR C 3 2.71 -6.49 11.91
N GLN C 4 2.34 -6.29 10.64
CA GLN C 4 1.00 -6.67 10.17
C GLN C 4 0.92 -8.01 9.43
N VAL C 5 2.07 -8.59 9.10
CA VAL C 5 2.14 -9.90 8.46
C VAL C 5 3.07 -10.82 9.27
N GLU C 6 2.54 -11.94 9.76
CA GLU C 6 3.33 -12.91 10.53
C GLU C 6 3.41 -14.28 9.86
N GLN C 7 4.61 -14.87 9.87
CA GLN C 7 4.83 -16.19 9.28
C GLN C 7 5.27 -17.21 10.32
N SER C 8 4.83 -18.44 10.13
CA SER C 8 5.17 -19.53 11.04
C SER C 8 5.34 -20.80 10.21
N PRO C 9 6.24 -21.72 10.63
CA PRO C 9 7.21 -21.50 11.70
C PRO C 9 8.27 -20.51 11.24
N GLN C 10 9.06 -19.98 12.16
CA GLN C 10 10.18 -19.13 11.83
C GLN C 10 11.20 -19.91 10.99
N SER C 11 11.49 -21.14 11.39
CA SER C 11 12.36 -22.01 10.60
C SER C 11 11.99 -23.46 10.82
N LEU C 12 12.34 -24.30 9.85
CA LEU C 12 12.06 -25.73 9.96
C LEU C 12 13.03 -26.57 9.14
N VAL C 13 13.33 -27.76 9.64
CA VAL C 13 14.22 -28.68 8.94
C VAL C 13 13.44 -29.91 8.52
N VAL C 14 13.44 -30.22 7.23
CA VAL C 14 12.80 -31.43 6.74
C VAL C 14 13.76 -32.30 5.93
N ARG C 15 13.37 -33.55 5.72
CA ARG C 15 14.15 -34.49 4.92
C ARG C 15 13.62 -34.47 3.50
N GLN C 16 14.48 -34.72 2.52
CA GLN C 16 14.05 -34.83 1.12
C GLN C 16 12.87 -35.79 0.97
N GLY C 17 11.87 -35.37 0.21
CA GLY C 17 10.70 -36.19 -0.07
C GLY C 17 9.52 -35.88 0.82
N GLU C 18 9.78 -35.19 1.93
CA GLU C 18 8.77 -34.88 2.93
C GLU C 18 8.03 -33.62 2.52
N ASN C 19 6.73 -33.59 2.80
CA ASN C 19 5.90 -32.41 2.52
C ASN C 19 6.04 -31.46 3.68
N CYS C 20 5.84 -30.17 3.42
CA CYS C 20 5.72 -29.20 4.49
C CYS C 20 4.66 -28.13 4.22
N VAL C 21 4.25 -27.44 5.27
CA VAL C 21 3.21 -26.42 5.22
C VAL C 21 3.75 -25.13 5.85
N LEU C 22 3.50 -23.98 5.24
CA LEU C 22 3.98 -22.72 5.79
C LEU C 22 2.83 -21.75 6.03
N GLN C 23 2.74 -21.19 7.23
CA GLN C 23 1.62 -20.32 7.55
C GLN C 23 1.94 -18.84 7.30
N CYS C 24 0.91 -18.09 6.95
CA CYS C 24 0.97 -16.65 6.93
C CYS C 24 -0.32 -16.10 7.53
N ASN C 25 -0.18 -15.26 8.54
CA ASN C 25 -1.31 -14.59 9.16
C ASN C 25 -1.08 -13.10 9.14
N TYR C 26 -2.13 -12.33 8.87
CA TYR C 26 -1.98 -10.90 8.70
C TYR C 26 -3.17 -10.11 9.22
N SER C 27 -2.92 -8.82 9.51
CA SER C 27 -3.97 -7.90 9.91
C SER C 27 -4.15 -6.77 8.91
N VAL C 28 -3.42 -6.80 7.80
CA VAL C 28 -3.48 -5.77 6.74
C VAL C 28 -4.91 -5.50 6.29
N THR C 29 -5.23 -4.24 6.03
CA THR C 29 -6.58 -3.80 5.63
C THR C 29 -6.54 -2.63 4.64
N PRO C 30 -7.19 -2.80 3.49
CA PRO C 30 -7.80 -4.03 3.02
C PRO C 30 -6.73 -4.94 2.45
N ASP C 31 -7.14 -6.14 2.08
CA ASP C 31 -6.23 -7.20 1.68
C ASP C 31 -6.57 -7.65 0.26
N ASN C 32 -6.00 -6.94 -0.72
CA ASN C 32 -6.29 -7.22 -2.11
C ASN C 32 -5.74 -8.55 -2.57
N HIS C 33 -4.46 -8.78 -2.32
CA HIS C 33 -3.82 -10.01 -2.78
C HIS C 33 -2.72 -10.42 -1.83
N LEU C 34 -2.32 -11.69 -1.95
CA LEU C 34 -1.23 -12.24 -1.18
C LEU C 34 -0.34 -13.05 -2.11
N ARG C 35 0.96 -12.80 -2.03
CA ARG C 35 1.93 -13.42 -2.91
C ARG C 35 2.99 -14.11 -2.09
N TRP C 36 3.40 -15.30 -2.51
CA TRP C 36 4.51 -16.04 -1.86
C TRP C 36 5.80 -15.96 -2.68
N PHE C 37 6.86 -15.47 -2.06
CA PHE C 37 8.17 -15.40 -2.72
C PHE C 37 9.07 -16.50 -2.21
N LYS C 38 9.92 -17.03 -3.09
CA LYS C 38 11.06 -17.89 -2.70
C LYS C 38 12.35 -17.10 -2.85
N GLN C 39 13.23 -17.18 -1.85
CA GLN C 39 14.50 -16.46 -1.87
C GLN C 39 15.69 -17.34 -1.46
N ASP C 40 16.47 -17.80 -2.43
CA ASP C 40 17.77 -18.47 -2.15
C ASP C 40 18.64 -17.55 -1.30
N THR C 41 19.52 -18.15 -0.49
CA THR C 41 20.44 -17.36 0.32
C THR C 41 21.36 -16.57 -0.60
N GLY C 42 21.54 -15.30 -0.28
CA GLY C 42 22.40 -14.40 -1.05
C GLY C 42 21.82 -13.90 -2.36
N LYS C 43 20.54 -14.12 -2.60
CA LYS C 43 19.96 -13.83 -3.91
C LYS C 43 18.59 -13.10 -3.86
N GLY C 44 17.83 -13.18 -4.96
CA GLY C 44 16.62 -12.37 -5.11
C GLY C 44 15.30 -13.08 -4.91
N LEU C 45 14.22 -12.38 -5.25
CA LEU C 45 12.88 -12.79 -4.89
C LEU C 45 12.12 -13.38 -6.05
N VAL C 46 12.08 -14.71 -6.15
CA VAL C 46 11.29 -15.39 -7.19
C VAL C 46 9.86 -15.59 -6.70
N SER C 47 8.88 -15.11 -7.47
CA SER C 47 7.47 -15.26 -7.13
C SER C 47 6.96 -16.69 -7.41
N LEU C 48 6.33 -17.29 -6.40
CA LEU C 48 5.78 -18.63 -6.55
C LEU C 48 4.31 -18.63 -6.99
N THR C 49 3.51 -17.82 -6.32
CA THR C 49 2.10 -17.68 -6.66
C THR C 49 1.54 -16.43 -6.03
N VAL C 50 0.38 -16.00 -6.51
CA VAL C 50 -0.32 -14.84 -5.96
C VAL C 50 -1.81 -15.19 -5.86
N LEU C 51 -2.38 -15.10 -4.66
CA LEU C 51 -3.79 -15.44 -4.49
C LEU C 51 -4.60 -14.16 -4.33
N VAL C 52 -5.81 -14.14 -4.89
CA VAL C 52 -6.57 -12.89 -5.04
C VAL C 52 -8.03 -12.89 -4.54
N ASP C 53 -8.67 -14.07 -4.53
CA ASP C 53 -10.09 -14.21 -4.16
C ASP C 53 -10.36 -14.42 -2.67
N GLN C 54 -11.62 -14.20 -2.27
CA GLN C 54 -12.05 -14.32 -0.89
C GLN C 54 -11.58 -15.63 -0.26
N LYS C 55 -11.88 -16.74 -0.95
CA LYS C 55 -11.37 -18.05 -0.58
C LYS C 55 -10.77 -18.60 -1.86
N ASP C 56 -9.44 -18.57 -1.94
CA ASP C 56 -8.70 -18.84 -3.17
C ASP C 56 -7.71 -19.98 -2.99
N LYS C 57 -7.50 -20.71 -4.08
CA LYS C 57 -6.63 -21.87 -4.11
C LYS C 57 -5.81 -21.82 -5.37
N THR C 58 -4.51 -22.00 -5.26
CA THR C 58 -3.60 -21.96 -6.41
C THR C 58 -2.53 -23.05 -6.31
N SER C 59 -1.98 -23.45 -7.46
CA SER C 59 -0.86 -24.39 -7.47
C SER C 59 0.21 -23.95 -8.49
N ASN C 60 1.37 -24.59 -8.40
CA ASN C 60 2.50 -24.29 -9.28
C ASN C 60 3.53 -25.39 -9.13
N GLY C 61 3.34 -26.47 -9.89
CA GLY C 61 4.13 -27.69 -9.74
C GLY C 61 3.95 -28.26 -8.36
N ARG C 62 5.05 -28.43 -7.64
CA ARG C 62 5.01 -28.98 -6.29
C ARG C 62 4.52 -27.98 -5.21
N TYR C 63 4.39 -26.70 -5.57
CA TYR C 63 3.84 -25.70 -4.66
C TYR C 63 2.33 -25.62 -4.81
N SER C 64 1.60 -25.59 -3.71
CA SER C 64 0.20 -25.20 -3.74
C SER C 64 -0.09 -24.25 -2.59
N ALA C 65 -1.20 -23.52 -2.68
CA ALA C 65 -1.51 -22.51 -1.69
C ALA C 65 -2.99 -22.24 -1.53
N THR C 66 -3.38 -21.78 -0.34
CA THR C 66 -4.73 -21.39 -0.05
C THR C 66 -4.72 -19.96 0.49
N LEU C 67 -5.88 -19.30 0.42
CA LEU C 67 -6.08 -18.01 1.04
C LEU C 67 -7.51 -17.88 1.49
N ASP C 68 -7.71 -17.60 2.78
CA ASP C 68 -9.02 -17.38 3.33
C ASP C 68 -9.01 -15.98 3.86
N LYS C 69 -9.79 -15.10 3.23
CA LYS C 69 -9.76 -13.68 3.58
C LYS C 69 -10.57 -13.35 4.84
N ASP C 70 -11.61 -14.12 5.14
CA ASP C 70 -12.33 -13.92 6.40
C ASP C 70 -11.38 -14.12 7.58
N ALA C 71 -10.65 -15.25 7.55
CA ALA C 71 -9.69 -15.59 8.60
C ALA C 71 -8.38 -14.79 8.52
N LYS C 72 -8.10 -14.21 7.35
CA LYS C 72 -6.85 -13.50 7.08
C LYS C 72 -5.66 -14.44 7.27
N HIS C 73 -5.71 -15.54 6.54
CA HIS C 73 -4.77 -16.63 6.71
C HIS C 73 -4.47 -17.28 5.35
N SER C 74 -3.23 -17.71 5.18
CA SER C 74 -2.78 -18.37 3.97
C SER C 74 -1.73 -19.39 4.32
N THR C 75 -1.75 -20.54 3.66
CA THR C 75 -0.68 -21.52 3.81
C THR C 75 -0.08 -21.87 2.47
N LEU C 76 1.20 -22.26 2.50
CA LEU C 76 1.90 -22.69 1.32
C LEU C 76 2.36 -24.11 1.53
N HIS C 77 1.83 -25.02 0.72
CA HIS C 77 2.24 -26.40 0.79
C HIS C 77 3.31 -26.65 -0.27
N ILE C 78 4.44 -27.20 0.15
CA ILE C 78 5.40 -27.76 -0.77
C ILE C 78 5.19 -29.26 -0.70
N THR C 79 5.05 -29.93 -1.83
CA THR C 79 4.97 -31.41 -1.87
C THR C 79 6.30 -32.02 -2.29
N ALA C 80 6.66 -33.16 -1.69
CA ALA C 80 7.89 -33.88 -2.03
C ALA C 80 9.10 -32.95 -2.18
N THR C 81 9.62 -32.48 -1.06
CA THR C 81 10.71 -31.51 -1.03
C THR C 81 12.02 -32.02 -1.64
N LEU C 82 12.70 -31.11 -2.31
CA LEU C 82 14.00 -31.36 -2.91
C LEU C 82 15.01 -30.41 -2.29
N LEU C 83 16.29 -30.77 -2.38
CA LEU C 83 17.37 -29.98 -1.81
C LEU C 83 17.24 -28.48 -2.15
N ASP C 84 17.00 -28.18 -3.43
CA ASP C 84 16.82 -26.80 -3.95
C ASP C 84 15.72 -25.97 -3.28
N ASP C 85 14.79 -26.62 -2.58
CA ASP C 85 13.75 -25.91 -1.84
C ASP C 85 14.31 -25.18 -0.64
N THR C 86 15.52 -25.55 -0.25
CA THR C 86 16.25 -24.88 0.80
C THR C 86 16.35 -23.40 0.45
N ALA C 87 15.72 -22.58 1.28
CA ALA C 87 15.54 -21.16 1.02
C ALA C 87 14.72 -20.52 2.13
N THR C 88 14.57 -19.20 2.06
CA THR C 88 13.68 -18.46 2.93
C THR C 88 12.43 -18.18 2.12
N TYR C 89 11.26 -18.47 2.68
CA TYR C 89 9.99 -18.22 1.99
C TYR C 89 9.29 -17.05 2.61
N ILE C 90 8.84 -16.11 1.76
CA ILE C 90 8.32 -14.82 2.22
C ILE C 90 6.87 -14.54 1.81
N CYS C 91 6.07 -14.09 2.76
CA CYS C 91 4.67 -13.70 2.54
C CYS C 91 4.52 -12.20 2.26
N VAL C 92 3.76 -11.84 1.23
CA VAL C 92 3.46 -10.42 1.01
C VAL C 92 1.99 -10.16 0.75
N VAL C 93 1.43 -9.23 1.51
CA VAL C 93 0.05 -8.75 1.26
C VAL C 93 0.08 -7.37 0.65
N GLY C 94 -0.69 -7.20 -0.43
CA GLY C 94 -0.81 -5.90 -1.08
C GLY C 94 -2.14 -5.28 -0.73
N ASP C 95 -2.14 -4.00 -0.38
CA ASP C 95 -3.37 -3.38 0.12
C ASP C 95 -4.29 -2.67 -0.91
N ARG C 96 -3.91 -2.69 -2.18
CA ARG C 96 -4.77 -2.22 -3.27
C ARG C 96 -4.62 -3.10 -4.51
N GLY C 97 -5.58 -3.01 -5.44
CA GLY C 97 -5.47 -3.69 -6.73
C GLY C 97 -4.84 -2.82 -7.83
N SER C 98 -4.13 -1.77 -7.41
CA SER C 98 -3.47 -0.84 -8.31
C SER C 98 -2.13 -0.42 -7.73
N ALA C 99 -1.38 0.40 -8.46
CA ALA C 99 -0.05 0.86 -8.03
C ALA C 99 -0.13 1.81 -6.85
N LEU C 100 -1.36 2.15 -6.45
CA LEU C 100 -1.60 2.95 -5.26
C LEU C 100 -1.33 2.15 -3.97
N GLY C 101 -1.07 0.85 -4.14
CA GLY C 101 -0.87 -0.07 -3.02
C GLY C 101 0.48 -0.03 -2.35
N ARG C 102 0.48 -0.48 -1.10
CA ARG C 102 1.71 -0.76 -0.37
C ARG C 102 1.73 -2.25 -0.14
N LEU C 103 2.92 -2.83 -0.27
CA LEU C 103 3.15 -4.23 0.03
C LEU C 103 3.61 -4.37 1.47
N HIS C 104 3.09 -5.38 2.16
CA HIS C 104 3.46 -5.63 3.55
C HIS C 104 4.15 -6.97 3.66
N PHE C 105 5.41 -6.95 4.08
CA PHE C 105 6.25 -8.14 4.00
C PHE C 105 6.34 -8.89 5.33
N GLY C 106 6.20 -10.21 5.24
CA GLY C 106 6.58 -11.08 6.35
C GLY C 106 8.09 -11.13 6.48
N ALA C 107 8.56 -11.58 7.63
CA ALA C 107 9.99 -11.68 7.84
C ALA C 107 10.54 -12.99 7.28
N GLY C 108 9.66 -13.80 6.68
CA GLY C 108 10.11 -15.03 6.05
C GLY C 108 10.12 -16.28 6.92
N THR C 109 10.08 -17.43 6.26
CA THR C 109 10.22 -18.72 6.92
C THR C 109 11.40 -19.44 6.30
N GLN C 110 12.34 -19.85 7.14
CA GLN C 110 13.54 -20.48 6.62
C GLN C 110 13.40 -21.99 6.58
N LEU C 111 13.59 -22.56 5.40
CA LEU C 111 13.49 -24.00 5.22
C LEU C 111 14.84 -24.62 4.88
N ILE C 112 15.14 -25.73 5.54
CA ILE C 112 16.29 -26.55 5.16
C ILE C 112 15.84 -27.96 4.83
N VAL C 113 16.30 -28.47 3.69
CA VAL C 113 15.99 -29.82 3.25
C VAL C 113 17.23 -30.70 3.32
N ILE C 114 17.20 -31.70 4.20
CA ILE C 114 18.28 -32.68 4.27
C ILE C 114 18.20 -33.64 3.07
N PRO C 115 19.26 -33.69 2.23
CA PRO C 115 19.23 -34.59 1.09
C PRO C 115 19.47 -36.05 1.46
N ASP C 116 18.81 -36.93 0.72
CA ASP C 116 18.90 -38.37 0.88
C ASP C 116 20.18 -38.84 0.20
N ILE C 117 21.13 -39.34 0.97
CA ILE C 117 22.36 -39.88 0.39
C ILE C 117 22.19 -41.38 0.15
N GLN C 118 21.96 -41.73 -1.11
CA GLN C 118 21.66 -43.12 -1.50
C GLN C 118 22.87 -44.05 -1.34
N ASN C 119 24.06 -43.59 -1.71
CA ASN C 119 25.24 -44.46 -1.65
C ASN C 119 26.46 -43.86 -0.93
N PRO C 120 26.44 -43.90 0.42
CA PRO C 120 27.56 -43.41 1.20
C PRO C 120 28.84 -44.24 1.00
N ASP C 121 29.92 -43.58 0.59
CA ASP C 121 31.23 -44.19 0.45
C ASP C 121 32.26 -43.22 1.03
N PRO C 122 32.26 -43.03 2.36
CA PRO C 122 33.04 -41.95 2.97
C PRO C 122 34.56 -42.15 2.97
N ALA C 123 35.28 -41.08 2.61
CA ALA C 123 36.75 -41.09 2.59
C ALA C 123 37.37 -39.76 3.06
N VAL C 124 38.69 -39.79 3.24
CA VAL C 124 39.47 -38.57 3.49
C VAL C 124 40.68 -38.59 2.57
N TYR C 125 40.65 -37.69 1.57
CA TYR C 125 41.65 -37.67 0.51
C TYR C 125 42.58 -36.49 0.69
N GLN C 126 43.78 -36.61 0.12
CA GLN C 126 44.74 -35.51 0.13
C GLN C 126 44.92 -34.87 -1.25
N LEU C 127 44.78 -33.54 -1.30
CA LEU C 127 44.78 -32.80 -2.56
C LEU C 127 45.89 -31.75 -2.57
N ARG C 128 46.56 -31.59 -3.71
CA ARG C 128 47.75 -30.73 -3.79
C ARG C 128 47.52 -29.39 -4.49
N ASP C 129 48.27 -28.37 -4.07
CA ASP C 129 48.24 -27.02 -4.71
C ASP C 129 48.82 -27.09 -6.12
N SER C 130 48.03 -26.65 -7.10
CA SER C 130 48.43 -26.66 -8.52
C SER C 130 49.73 -25.91 -8.79
N LYS C 131 49.97 -24.86 -8.00
CA LYS C 131 51.18 -24.06 -8.11
C LYS C 131 52.26 -24.45 -7.08
N SER C 132 51.88 -25.19 -6.04
CA SER C 132 52.73 -25.37 -4.87
C SER C 132 52.68 -26.78 -4.24
N SER C 133 53.62 -27.65 -4.63
CA SER C 133 53.72 -29.03 -4.09
C SER C 133 53.86 -29.10 -2.56
N ASP C 134 53.89 -27.94 -1.91
CA ASP C 134 54.07 -27.83 -0.46
C ASP C 134 52.72 -27.91 0.25
N LYS C 135 51.84 -26.97 -0.07
CA LYS C 135 50.52 -26.86 0.57
C LYS C 135 49.57 -27.98 0.12
N SER C 136 48.72 -28.43 1.04
CA SER C 136 47.72 -29.44 0.73
C SER C 136 46.43 -29.27 1.53
N VAL C 137 45.35 -29.92 1.09
CA VAL C 137 44.11 -29.95 1.86
C VAL C 137 43.63 -31.38 2.08
N CYS C 138 42.84 -31.56 3.14
CA CYS C 138 42.20 -32.83 3.42
C CYS C 138 40.71 -32.75 3.16
N LEU C 139 40.24 -33.59 2.24
CA LEU C 139 38.85 -33.57 1.84
C LEU C 139 38.11 -34.79 2.34
N PHE C 140 37.16 -34.54 3.24
CA PHE C 140 36.32 -35.56 3.85
C PHE C 140 35.01 -35.61 3.09
N THR C 141 34.78 -36.68 2.34
CA THR C 141 33.64 -36.71 1.44
C THR C 141 32.77 -37.98 1.51
N ASP C 142 31.66 -37.94 0.80
CA ASP C 142 30.77 -39.10 0.58
C ASP C 142 30.18 -39.74 1.85
N PHE C 143 30.03 -38.94 2.89
CA PHE C 143 29.35 -39.36 4.09
C PHE C 143 27.86 -39.01 4.04
N ASP C 144 27.02 -39.85 4.66
CA ASP C 144 25.58 -39.60 4.68
C ASP C 144 25.24 -38.54 5.72
N SER C 145 23.96 -38.19 5.79
CA SER C 145 23.55 -37.01 6.53
C SER C 145 23.40 -37.22 8.03
N GLN C 146 23.59 -38.45 8.49
CA GLN C 146 23.64 -38.70 9.92
C GLN C 146 25.08 -38.56 10.45
N THR C 147 25.91 -37.78 9.75
CA THR C 147 27.28 -37.49 10.19
C THR C 147 27.51 -35.99 10.43
N ASN C 148 28.22 -35.70 11.52
CA ASN C 148 28.50 -34.32 11.91
C ASN C 148 29.98 -34.00 11.80
N VAL C 149 30.28 -32.80 11.31
CA VAL C 149 31.66 -32.31 11.23
C VAL C 149 31.88 -31.21 12.28
N SER C 150 32.94 -31.36 13.07
CA SER C 150 33.20 -30.46 14.16
C SER C 150 34.54 -29.77 13.97
N GLN C 151 34.73 -28.63 14.63
CA GLN C 151 36.01 -27.91 14.64
C GLN C 151 37.12 -28.70 15.32
N SER C 152 38.37 -28.44 14.94
CA SER C 152 39.52 -29.15 15.52
C SER C 152 39.88 -28.60 16.89
N LYS C 153 40.69 -29.37 17.62
CA LYS C 153 41.30 -28.94 18.88
C LYS C 153 42.21 -27.73 18.65
N ASP C 154 43.26 -27.95 17.84
CA ASP C 154 44.18 -26.90 17.38
C ASP C 154 43.42 -25.80 16.61
N SER C 155 43.71 -24.54 16.93
CA SER C 155 43.09 -23.39 16.26
C SER C 155 43.90 -22.98 15.02
N ASP C 156 45.06 -23.62 14.85
CA ASP C 156 45.86 -23.53 13.62
C ASP C 156 45.37 -24.51 12.54
N VAL C 157 44.42 -25.35 12.88
CA VAL C 157 43.81 -26.23 11.90
C VAL C 157 42.43 -25.70 11.57
N TYR C 158 42.20 -25.42 10.30
CA TYR C 158 40.92 -24.90 9.85
C TYR C 158 40.12 -26.04 9.24
N ILE C 159 38.85 -26.11 9.63
CA ILE C 159 37.91 -27.11 9.14
C ILE C 159 36.61 -26.40 8.86
N THR C 160 36.05 -26.64 7.69
CA THR C 160 34.78 -26.01 7.31
C THR C 160 33.64 -26.97 7.55
N ASP C 161 32.44 -26.43 7.71
CA ASP C 161 31.25 -27.25 7.90
C ASP C 161 30.88 -27.96 6.61
N LYS C 162 30.21 -29.09 6.73
CA LYS C 162 29.79 -29.89 5.57
C LYS C 162 29.00 -29.05 4.59
N CYS C 163 28.92 -29.53 3.36
CA CYS C 163 28.27 -28.83 2.25
C CYS C 163 27.85 -29.89 1.25
N VAL C 164 26.68 -29.74 0.65
CA VAL C 164 26.21 -30.73 -0.32
C VAL C 164 26.24 -30.29 -1.79
N LEU C 165 26.94 -31.05 -2.62
CA LEU C 165 26.98 -30.77 -4.05
C LEU C 165 26.11 -31.74 -4.86
N ASP C 166 25.57 -31.23 -5.95
CA ASP C 166 24.65 -31.97 -6.80
C ASP C 166 25.15 -31.92 -8.23
N MET C 167 25.58 -33.08 -8.73
CA MET C 167 25.94 -33.22 -10.14
C MET C 167 24.67 -33.56 -10.93
N ARG C 168 23.89 -32.52 -11.25
CA ARG C 168 22.55 -32.68 -11.82
C ARG C 168 22.54 -33.71 -12.93
N SER C 169 23.52 -33.60 -13.83
CA SER C 169 23.73 -34.50 -14.96
C SER C 169 23.66 -36.00 -14.63
N MET C 170 24.14 -36.40 -13.46
CA MET C 170 24.24 -37.82 -13.08
C MET C 170 23.25 -38.27 -12.01
N ASP C 171 22.34 -37.37 -11.61
CA ASP C 171 21.50 -37.56 -10.41
C ASP C 171 22.33 -38.15 -9.27
N PHE C 172 23.27 -37.36 -8.78
CA PHE C 172 24.20 -37.78 -7.77
C PHE C 172 24.46 -36.61 -6.84
N LYS C 173 24.35 -36.85 -5.54
CA LYS C 173 24.64 -35.82 -4.54
C LYS C 173 25.71 -36.32 -3.59
N SER C 174 26.48 -35.38 -3.05
CA SER C 174 27.51 -35.74 -2.07
C SER C 174 27.81 -34.62 -1.09
N ASN C 175 28.10 -35.04 0.14
CA ASN C 175 28.55 -34.19 1.22
C ASN C 175 30.08 -34.14 1.24
N SER C 176 30.62 -33.01 1.66
CA SER C 176 32.06 -32.94 1.96
C SER C 176 32.40 -31.84 2.95
N ALA C 177 33.65 -31.85 3.42
CA ALA C 177 34.18 -30.79 4.25
C ALA C 177 35.69 -30.74 4.06
N VAL C 178 36.26 -29.57 4.28
CA VAL C 178 37.66 -29.35 3.97
C VAL C 178 38.41 -29.01 5.24
N ALA C 179 39.62 -29.55 5.36
CA ALA C 179 40.48 -29.19 6.46
C ALA C 179 41.90 -28.98 5.95
N TRP C 180 42.51 -27.87 6.37
CA TRP C 180 43.89 -27.55 6.07
C TRP C 180 44.57 -26.95 7.29
N SER C 181 45.89 -26.83 7.23
CA SER C 181 46.64 -26.24 8.34
C SER C 181 48.08 -25.88 7.96
N ASN C 182 48.64 -24.92 8.69
CA ASN C 182 50.01 -24.47 8.50
C ASN C 182 51.00 -25.36 9.25
N LYS C 183 51.00 -26.65 8.93
CA LYS C 183 51.93 -27.64 9.50
C LYS C 183 52.21 -27.39 11.00
N ASP C 185 54.02 -32.37 9.62
CA ASP C 185 53.55 -32.80 10.93
C ASP C 185 52.01 -32.87 11.03
N PHE C 186 51.35 -32.08 10.19
CA PHE C 186 49.89 -32.16 10.01
C PHE C 186 49.57 -33.05 8.80
N ALA C 187 48.67 -34.01 9.01
CA ALA C 187 48.32 -34.97 7.96
C ALA C 187 46.85 -35.35 8.02
N CYS C 188 46.36 -35.83 6.88
CA CYS C 188 44.93 -36.09 6.70
C CYS C 188 44.38 -37.20 7.59
N ALA C 189 45.17 -38.24 7.82
CA ALA C 189 44.74 -39.35 8.68
C ALA C 189 44.38 -38.87 10.09
N ASN C 190 45.01 -37.76 10.52
CA ASN C 190 44.80 -37.16 11.84
C ASN C 190 43.92 -35.89 11.80
N ALA C 191 43.41 -35.54 10.62
CA ALA C 191 42.74 -34.27 10.40
C ALA C 191 41.35 -34.13 11.03
N PHE C 192 40.58 -35.21 11.04
CA PHE C 192 39.21 -35.16 11.56
C PHE C 192 39.04 -35.87 12.90
N ASN C 193 40.16 -36.17 13.55
CA ASN C 193 40.19 -36.82 14.85
C ASN C 193 39.10 -36.35 15.84
N ASN C 194 38.75 -35.06 15.81
CA ASN C 194 37.71 -34.53 16.70
C ASN C 194 36.30 -34.51 16.08
N SER C 195 35.99 -35.52 15.27
CA SER C 195 34.65 -35.71 14.69
C SER C 195 34.23 -37.19 14.79
N ILE C 196 32.92 -37.40 14.89
CA ILE C 196 32.37 -38.76 14.87
C ILE C 196 32.28 -39.21 13.41
N ILE C 197 33.35 -39.84 12.94
CA ILE C 197 33.41 -40.36 11.56
C ILE C 197 33.17 -41.85 11.55
N PRO C 198 32.44 -42.35 10.54
CA PRO C 198 32.13 -43.79 10.39
C PRO C 198 33.36 -44.70 10.47
N GLU C 199 33.16 -45.93 10.92
CA GLU C 199 34.26 -46.88 11.03
C GLU C 199 34.77 -47.38 9.66
N ASP C 200 33.98 -47.18 8.61
CA ASP C 200 34.35 -47.62 7.26
C ASP C 200 35.09 -46.56 6.40
N THR C 201 35.25 -45.35 6.94
CA THR C 201 35.94 -44.26 6.26
C THR C 201 37.27 -44.71 5.63
N PHE C 202 37.40 -44.47 4.32
CA PHE C 202 38.60 -44.82 3.56
C PHE C 202 39.76 -43.85 3.78
N PHE C 203 40.90 -44.40 4.22
CA PHE C 203 42.14 -43.64 4.35
C PHE C 203 43.21 -44.28 3.48
N PRO C 204 43.35 -43.83 2.22
CA PRO C 204 44.37 -44.36 1.30
C PRO C 204 45.78 -44.17 1.85
N SER C 205 46.72 -44.97 1.37
CA SER C 205 48.11 -44.91 1.87
C SER C 205 48.73 -43.54 1.61
N ALA D 3 9.97 -8.28 -18.73
CA ALA D 3 9.96 -7.10 -17.82
C ALA D 3 10.93 -7.29 -16.65
N ALA D 4 12.14 -6.72 -16.77
CA ALA D 4 13.22 -6.88 -15.79
C ALA D 4 13.74 -5.54 -15.22
N VAL D 5 14.59 -5.64 -14.18
CA VAL D 5 15.13 -4.49 -13.47
C VAL D 5 16.58 -4.78 -13.06
N THR D 6 17.43 -3.76 -13.14
CA THR D 6 18.87 -3.93 -12.89
C THR D 6 19.34 -2.99 -11.79
N GLN D 7 20.26 -3.48 -10.96
CA GLN D 7 20.82 -2.70 -9.86
C GLN D 7 22.32 -2.69 -9.99
N SER D 8 22.95 -1.60 -9.56
CA SER D 8 24.40 -1.53 -9.51
C SER D 8 24.81 -0.51 -8.46
N PRO D 9 25.95 -0.77 -7.77
CA PRO D 9 26.75 -1.98 -7.87
C PRO D 9 26.02 -3.13 -7.21
N ARG D 10 26.48 -4.36 -7.45
CA ARG D 10 25.86 -5.51 -6.81
C ARG D 10 26.28 -5.64 -5.34
N ASN D 11 27.46 -5.12 -5.04
CA ASN D 11 28.08 -5.27 -3.75
C ASN D 11 29.03 -4.11 -3.49
N LYS D 12 28.98 -3.54 -2.28
CA LYS D 12 29.76 -2.36 -1.97
C LYS D 12 30.25 -2.36 -0.53
N VAL D 13 31.56 -2.20 -0.36
CA VAL D 13 32.20 -1.97 0.93
C VAL D 13 32.48 -0.47 1.07
N ALA D 14 31.98 0.14 2.14
CA ALA D 14 32.10 1.58 2.34
C ALA D 14 32.47 1.91 3.76
N VAL D 15 33.11 3.08 3.94
CA VAL D 15 33.42 3.61 5.26
C VAL D 15 32.33 4.57 5.76
N THR D 16 32.28 4.72 7.08
CA THR D 16 31.50 5.75 7.77
C THR D 16 31.85 7.14 7.24
N GLY D 17 30.83 7.99 7.07
CA GLY D 17 31.02 9.35 6.59
C GLY D 17 31.16 9.45 5.08
N GLY D 18 31.25 8.31 4.40
CA GLY D 18 31.31 8.29 2.94
C GLY D 18 29.98 8.58 2.26
N LYS D 19 30.06 8.89 0.96
CA LYS D 19 28.88 9.04 0.13
C LYS D 19 28.76 7.78 -0.67
N VAL D 20 27.63 7.11 -0.54
CA VAL D 20 27.39 5.89 -1.31
C VAL D 20 26.16 6.10 -2.18
N THR D 21 26.27 5.72 -3.45
CA THR D 21 25.15 5.81 -4.39
C THR D 21 24.77 4.44 -4.93
N LEU D 22 23.53 4.04 -4.70
CA LEU D 22 23.03 2.80 -5.23
C LEU D 22 22.08 3.10 -6.39
N SER D 23 22.23 2.38 -7.49
CA SER D 23 21.44 2.69 -8.70
C SER D 23 20.47 1.61 -9.14
N CYS D 24 19.40 2.05 -9.77
CA CYS D 24 18.45 1.12 -10.31
C CYS D 24 18.07 1.52 -11.73
N ASN D 25 18.09 0.56 -12.64
CA ASN D 25 17.71 0.83 -14.02
C ASN D 25 16.63 -0.10 -14.55
N GLN D 26 15.61 0.48 -15.19
CA GLN D 26 14.57 -0.32 -15.85
C GLN D 26 14.19 0.21 -17.21
N THR D 27 14.00 -0.70 -18.17
CA THR D 27 13.69 -0.34 -19.56
C THR D 27 12.27 -0.75 -19.95
N ASN D 28 11.39 -0.85 -18.95
CA ASN D 28 10.02 -1.28 -19.17
C ASN D 28 9.05 -0.12 -19.38
N ASN D 29 9.58 1.09 -19.33
CA ASN D 29 8.78 2.31 -19.37
C ASN D 29 7.76 2.39 -18.25
N HIS D 30 8.08 1.80 -17.10
CA HIS D 30 7.24 1.84 -15.91
C HIS D 30 7.35 3.20 -15.24
N ASN D 31 6.21 3.81 -14.93
CA ASN D 31 6.19 5.11 -14.26
C ASN D 31 6.75 5.08 -12.84
N ASN D 32 6.58 3.97 -12.15
CA ASN D 32 6.72 3.93 -10.71
C ASN D 32 7.90 3.05 -10.29
N MET D 33 8.75 3.60 -9.41
CA MET D 33 9.85 2.85 -8.83
C MET D 33 9.96 2.95 -7.30
N TYR D 34 10.69 2.02 -6.69
CA TYR D 34 10.59 1.75 -5.25
C TYR D 34 11.89 1.22 -4.67
N TRP D 35 12.33 1.79 -3.55
CA TRP D 35 13.55 1.31 -2.90
C TRP D 35 13.23 0.71 -1.54
N TYR D 36 13.66 -0.54 -1.37
CA TYR D 36 13.45 -1.28 -0.13
C TYR D 36 14.79 -1.70 0.46
N ARG D 37 14.81 -1.92 1.78
CA ARG D 37 15.93 -2.63 2.45
C ARG D 37 15.44 -3.85 3.22
N GLN D 38 16.26 -4.89 3.21
CA GLN D 38 15.99 -6.16 3.89
C GLN D 38 17.02 -6.42 4.99
N ASP D 39 16.56 -6.51 6.23
CA ASP D 39 17.42 -6.94 7.33
C ASP D 39 16.83 -8.15 8.04
N THR D 40 17.68 -9.11 8.42
CA THR D 40 17.19 -10.34 9.07
C THR D 40 16.21 -10.00 10.19
N GLY D 41 15.08 -10.68 10.22
CA GLY D 41 14.10 -10.48 11.29
C GLY D 41 13.05 -9.43 10.99
N HIS D 42 13.24 -8.70 9.89
CA HIS D 42 12.21 -7.80 9.35
C HIS D 42 11.89 -8.22 7.93
N GLY D 43 10.70 -7.89 7.47
CA GLY D 43 10.42 -8.04 6.06
C GLY D 43 10.97 -6.84 5.34
N LEU D 44 11.02 -6.88 4.02
CA LEU D 44 11.38 -5.69 3.27
C LEU D 44 10.63 -4.45 3.79
N ARG D 45 11.37 -3.36 3.96
CA ARG D 45 10.81 -2.10 4.40
C ARG D 45 11.12 -1.01 3.38
N LEU D 46 10.09 -0.24 3.05
CA LEU D 46 10.17 0.76 2.02
C LEU D 46 10.86 2.05 2.49
N ILE D 47 11.90 2.45 1.77
CA ILE D 47 12.72 3.60 2.11
C ILE D 47 12.17 4.85 1.41
N HIS D 48 12.12 4.79 0.08
CA HIS D 48 11.71 5.91 -0.76
C HIS D 48 11.07 5.30 -2.00
N TYR D 49 10.25 6.08 -2.69
CA TYR D 49 9.72 5.65 -3.99
C TYR D 49 9.53 6.86 -4.93
N SER D 50 9.02 6.61 -6.14
CA SER D 50 8.85 7.66 -7.15
C SER D 50 7.79 7.32 -8.17
N TYR D 51 7.00 8.33 -8.53
CA TYR D 51 5.94 8.12 -9.52
C TYR D 51 6.35 8.56 -10.93
N GLY D 52 7.59 9.02 -11.07
CA GLY D 52 8.10 9.45 -12.37
C GLY D 52 9.26 10.40 -12.22
N ALA D 53 9.85 10.76 -13.36
CA ALA D 53 10.99 11.66 -13.40
C ALA D 53 10.71 12.91 -12.57
N GLY D 54 11.70 13.30 -11.79
CA GLY D 54 11.66 14.55 -11.01
C GLY D 54 10.85 14.45 -9.73
N SER D 55 10.29 13.26 -9.48
CA SER D 55 9.46 12.98 -8.32
C SER D 55 10.16 12.00 -7.41
N THR D 56 10.05 12.24 -6.11
CA THR D 56 10.59 11.35 -5.11
C THR D 56 9.71 11.51 -3.91
N GLU D 57 9.42 10.39 -3.25
CA GLU D 57 8.54 10.36 -2.09
C GLU D 57 9.16 9.55 -0.97
N LYS D 58 8.95 10.03 0.26
CA LYS D 58 9.41 9.33 1.44
C LYS D 58 8.61 8.07 1.61
N GLY D 59 9.28 6.98 1.98
CA GLY D 59 8.62 5.73 2.31
C GLY D 59 8.42 5.60 3.81
N ASP D 60 8.67 4.41 4.35
CA ASP D 60 8.46 4.14 5.78
C ASP D 60 9.65 4.51 6.65
N ILE D 61 10.85 4.38 6.09
CA ILE D 61 12.11 4.60 6.84
C ILE D 61 13.14 5.45 6.06
N PRO D 62 12.75 6.69 5.68
CA PRO D 62 13.51 7.52 4.76
C PRO D 62 14.78 8.15 5.34
N ASP D 63 14.88 8.25 6.66
CA ASP D 63 16.02 8.91 7.28
C ASP D 63 17.38 8.33 6.87
N GLY D 64 18.32 9.23 6.58
CA GLY D 64 19.66 8.84 6.17
C GLY D 64 19.78 8.54 4.69
N TYR D 65 18.67 8.64 3.97
CA TYR D 65 18.62 8.41 2.52
C TYR D 65 18.00 9.58 1.76
N LYS D 66 18.62 9.95 0.65
CA LYS D 66 18.00 10.78 -0.38
C LYS D 66 17.64 9.91 -1.60
N ALA D 67 16.57 10.26 -2.32
CA ALA D 67 16.22 9.56 -3.55
C ALA D 67 16.39 10.49 -4.74
N SER D 68 16.60 9.92 -5.92
CA SER D 68 16.80 10.73 -7.11
C SER D 68 16.23 10.04 -8.33
N ARG D 69 15.27 10.70 -8.98
CA ARG D 69 14.67 10.15 -10.18
C ARG D 69 14.90 11.11 -11.36
N PRO D 70 16.08 11.02 -12.00
CA PRO D 70 16.39 11.93 -13.10
C PRO D 70 15.69 11.60 -14.42
N SER D 71 15.17 10.38 -14.56
CA SER D 71 14.61 9.91 -15.82
C SER D 71 13.61 8.79 -15.54
N GLN D 72 12.84 8.40 -16.55
CA GLN D 72 11.93 7.25 -16.43
C GLN D 72 12.72 5.99 -16.13
N GLU D 73 13.94 5.90 -16.67
CA GLU D 73 14.79 4.69 -16.56
C GLU D 73 15.50 4.52 -15.22
N ASN D 74 16.02 5.61 -14.65
CA ASN D 74 16.87 5.53 -13.46
C ASN D 74 16.24 6.02 -12.15
N PHE D 75 16.51 5.28 -11.09
CA PHE D 75 16.09 5.65 -9.74
C PHE D 75 17.24 5.34 -8.80
N SER D 76 17.70 6.35 -8.08
CA SER D 76 18.90 6.27 -7.24
C SER D 76 18.65 6.47 -5.76
N LEU D 77 19.38 5.71 -4.95
CA LEU D 77 19.33 5.81 -3.51
C LEU D 77 20.65 6.38 -3.06
N ILE D 78 20.62 7.53 -2.40
CA ILE D 78 21.82 8.27 -2.08
C ILE D 78 22.04 8.31 -0.58
N LEU D 79 23.19 7.83 -0.14
CA LEU D 79 23.57 7.89 1.26
C LEU D 79 24.67 8.93 1.39
N GLU D 80 24.33 10.15 1.81
CA GLU D 80 25.30 11.25 1.93
C GLU D 80 26.37 10.95 2.97
N LEU D 81 25.95 10.48 4.14
CA LEU D 81 26.86 10.14 5.25
C LEU D 81 26.52 8.74 5.77
N ALA D 82 27.18 7.75 5.18
CA ALA D 82 26.90 6.34 5.48
C ALA D 82 27.29 5.98 6.90
N THR D 83 26.46 5.16 7.54
CA THR D 83 26.70 4.71 8.90
C THR D 83 26.62 3.19 8.93
N PRO D 84 27.27 2.55 9.92
CA PRO D 84 27.19 1.09 10.03
C PRO D 84 25.76 0.56 9.96
N SER D 85 24.79 1.31 10.53
CA SER D 85 23.39 0.89 10.58
C SER D 85 22.72 0.81 9.22
N GLN D 86 23.40 1.32 8.20
CA GLN D 86 22.91 1.20 6.83
C GLN D 86 23.54 0.02 6.11
N THR D 87 24.24 -0.84 6.85
CA THR D 87 24.63 -2.15 6.32
C THR D 87 23.35 -2.93 6.08
N SER D 88 23.12 -3.35 4.84
CA SER D 88 21.89 -4.06 4.49
C SER D 88 21.93 -4.60 3.07
N VAL D 89 20.85 -5.26 2.64
CA VAL D 89 20.70 -5.66 1.25
C VAL D 89 19.54 -4.84 0.69
N TYR D 90 19.80 -4.08 -0.36
CA TYR D 90 18.87 -3.08 -0.83
C TYR D 90 18.22 -3.58 -2.08
N PHE D 91 16.89 -3.44 -2.15
CA PHE D 91 16.13 -3.88 -3.31
C PHE D 91 15.42 -2.73 -3.97
N CYS D 92 15.49 -2.73 -5.29
CA CYS D 92 14.78 -1.81 -6.13
C CYS D 92 13.67 -2.56 -6.83
N ALA D 93 12.57 -1.86 -7.09
CA ALA D 93 11.49 -2.44 -7.89
C ALA D 93 10.82 -1.38 -8.76
N SER D 94 10.11 -1.84 -9.80
CA SER D 94 9.38 -0.96 -10.69
C SER D 94 8.03 -1.56 -11.07
N GLY D 95 7.12 -0.72 -11.53
CA GLY D 95 5.79 -1.17 -11.97
C GLY D 95 5.00 -0.10 -12.69
N ASP D 96 4.01 -0.52 -13.48
CA ASP D 96 3.08 0.41 -14.09
C ASP D 96 1.90 0.65 -13.15
N GLU D 97 0.70 0.86 -13.71
CA GLU D 97 -0.49 1.12 -12.93
C GLU D 97 -0.96 -0.10 -12.13
N GLY D 98 -0.54 -1.29 -12.56
CA GLY D 98 -0.92 -2.54 -11.89
C GLY D 98 -0.33 -2.67 -10.49
N TYR D 99 -0.78 -3.66 -9.73
CA TYR D 99 -0.27 -3.83 -8.36
C TYR D 99 1.08 -4.55 -8.27
N THR D 100 1.47 -5.26 -9.32
CA THR D 100 2.71 -6.03 -9.33
C THR D 100 3.93 -5.13 -9.23
N GLN D 101 4.88 -5.52 -8.38
CA GLN D 101 6.19 -4.86 -8.40
C GLN D 101 7.25 -5.86 -8.81
N TYR D 102 8.02 -5.50 -9.83
CA TYR D 102 9.05 -6.35 -10.41
C TYR D 102 10.36 -5.98 -9.76
N PHE D 103 10.94 -6.92 -9.02
CA PHE D 103 12.12 -6.63 -8.19
C PHE D 103 13.42 -6.81 -8.90
N GLY D 104 14.39 -5.99 -8.51
CA GLY D 104 15.77 -6.14 -8.94
C GLY D 104 16.47 -7.22 -8.15
N PRO D 105 17.73 -7.50 -8.52
CA PRO D 105 18.48 -8.66 -7.99
C PRO D 105 19.05 -8.42 -6.61
N GLY D 106 18.99 -7.17 -6.15
CA GLY D 106 19.46 -6.79 -4.82
C GLY D 106 20.91 -6.36 -4.81
N THR D 107 21.24 -5.46 -3.87
CA THR D 107 22.57 -4.88 -3.71
C THR D 107 22.99 -4.99 -2.27
N ARG D 108 24.10 -5.67 -2.00
CA ARG D 108 24.57 -5.75 -0.64
C ARG D 108 25.54 -4.62 -0.35
N LEU D 109 25.37 -3.98 0.80
CA LEU D 109 26.25 -2.93 1.24
C LEU D 109 26.76 -3.23 2.65
N LEU D 110 28.06 -3.02 2.87
CA LEU D 110 28.61 -3.08 4.20
C LEU D 110 29.31 -1.76 4.49
N VAL D 111 29.00 -1.17 5.64
CA VAL D 111 29.61 0.10 6.02
C VAL D 111 30.45 -0.11 7.27
N LEU D 112 31.75 0.04 7.15
CA LEU D 112 32.70 -0.16 8.25
C LEU D 112 33.10 1.16 8.91
N GLU D 113 33.63 1.08 10.12
CA GLU D 113 34.09 2.27 10.82
C GLU D 113 35.41 2.72 10.21
N ASP D 114 36.24 1.74 9.84
CA ASP D 114 37.55 2.01 9.26
C ASP D 114 37.97 0.99 8.20
N LEU D 115 38.70 1.46 7.20
CA LEU D 115 39.12 0.61 6.10
C LEU D 115 40.51 0.02 6.29
N ARG D 116 41.11 0.26 7.45
CA ARG D 116 42.51 -0.10 7.70
C ARG D 116 42.85 -1.58 7.44
N ASN D 117 41.87 -2.46 7.63
CA ASN D 117 42.12 -3.91 7.52
C ASN D 117 41.72 -4.55 6.20
N VAL D 118 41.05 -3.79 5.33
CA VAL D 118 40.63 -4.33 4.03
C VAL D 118 41.81 -5.01 3.31
N THR D 119 41.60 -6.25 2.87
CA THR D 119 42.65 -7.06 2.25
C THR D 119 42.05 -8.01 1.21
N PRO D 120 42.60 -8.03 0.00
CA PRO D 120 42.15 -9.02 -0.97
C PRO D 120 42.57 -10.43 -0.56
N PRO D 121 41.87 -11.46 -1.05
CA PRO D 121 42.21 -12.82 -0.70
C PRO D 121 43.42 -13.32 -1.49
N LYS D 122 44.03 -14.40 -1.00
CA LYS D 122 44.95 -15.18 -1.82
C LYS D 122 44.18 -16.41 -2.30
N VAL D 123 44.35 -16.79 -3.55
CA VAL D 123 43.54 -17.88 -4.05
C VAL D 123 44.38 -19.07 -4.45
N SER D 124 43.94 -20.25 -4.05
CA SER D 124 44.63 -21.47 -4.38
C SER D 124 43.69 -22.55 -4.85
N LEU D 125 44.08 -23.25 -5.91
CA LEU D 125 43.31 -24.36 -6.42
C LEU D 125 44.02 -25.65 -6.07
N PHE D 126 43.29 -26.56 -5.44
CA PHE D 126 43.84 -27.84 -5.05
C PHE D 126 43.26 -28.92 -5.94
N GLU D 127 44.16 -29.70 -6.53
CA GLU D 127 43.83 -30.65 -7.58
C GLU D 127 43.39 -32.02 -7.07
N PRO D 128 42.47 -32.68 -7.81
CA PRO D 128 41.89 -33.98 -7.45
C PRO D 128 42.92 -35.03 -7.02
N SER D 129 42.54 -35.80 -5.99
CA SER D 129 43.35 -36.89 -5.49
C SER D 129 43.26 -38.05 -6.45
N LYS D 130 44.43 -38.57 -6.85
CA LYS D 130 44.52 -39.76 -7.71
C LYS D 130 43.74 -40.93 -7.08
N ALA D 131 43.80 -40.98 -5.76
CA ALA D 131 43.12 -41.98 -4.97
C ALA D 131 41.60 -41.83 -5.06
N GLU D 132 41.10 -40.60 -5.02
CA GLU D 132 39.67 -40.38 -5.21
C GLU D 132 39.25 -40.85 -6.59
N ILE D 133 40.02 -40.42 -7.60
CA ILE D 133 39.78 -40.80 -8.97
C ILE D 133 39.61 -42.32 -9.08
N SER D 134 40.55 -43.03 -8.48
CA SER D 134 40.61 -44.48 -8.54
C SER D 134 39.42 -45.16 -7.85
N HIS D 135 38.92 -44.52 -6.80
CA HIS D 135 37.90 -45.13 -5.95
C HIS D 135 36.44 -44.83 -6.38
N THR D 136 36.22 -43.65 -6.94
CA THR D 136 34.86 -43.19 -7.24
C THR D 136 34.61 -42.96 -8.72
N GLN D 137 35.68 -42.86 -9.50
CA GLN D 137 35.60 -42.34 -10.86
C GLN D 137 35.14 -40.89 -10.90
N LYS D 138 35.10 -40.23 -9.74
CA LYS D 138 34.83 -38.78 -9.67
C LYS D 138 36.13 -38.06 -9.31
N ALA D 139 36.16 -36.76 -9.59
CA ALA D 139 37.33 -35.92 -9.29
C ALA D 139 36.87 -34.60 -8.66
N THR D 140 37.35 -34.33 -7.44
CA THR D 140 36.99 -33.10 -6.75
C THR D 140 38.13 -32.11 -6.72
N LEU D 141 37.93 -30.96 -7.32
CA LEU D 141 38.85 -29.83 -7.14
C LEU D 141 38.44 -29.02 -5.90
N VAL D 142 39.41 -28.45 -5.19
CA VAL D 142 39.10 -27.58 -4.07
C VAL D 142 39.75 -26.20 -4.26
N CYS D 143 38.96 -25.16 -4.03
CA CYS D 143 39.46 -23.82 -4.07
C CYS D 143 39.54 -23.28 -2.66
N LEU D 144 40.59 -22.50 -2.39
CA LEU D 144 40.76 -21.85 -1.10
C LEU D 144 41.05 -20.38 -1.26
N ALA D 145 40.20 -19.56 -0.64
CA ALA D 145 40.41 -18.14 -0.58
C ALA D 145 40.72 -17.77 0.86
N THR D 146 41.87 -17.17 1.09
CA THR D 146 42.36 -16.92 2.44
C THR D 146 42.87 -15.49 2.61
N GLY D 147 42.90 -15.02 3.85
CA GLY D 147 43.52 -13.75 4.19
C GLY D 147 42.77 -12.48 3.83
N PHE D 148 41.47 -12.59 3.58
CA PHE D 148 40.71 -11.41 3.15
C PHE D 148 39.83 -10.76 4.21
N TYR D 149 39.63 -9.45 4.05
CA TYR D 149 38.77 -8.69 4.94
C TYR D 149 38.23 -7.53 4.13
N PRO D 150 36.92 -7.21 4.26
CA PRO D 150 35.86 -7.96 4.94
C PRO D 150 35.41 -9.21 4.15
N ASP D 151 34.25 -9.75 4.49
CA ASP D 151 33.86 -11.06 3.96
C ASP D 151 33.05 -11.00 2.67
N HIS D 152 33.14 -9.87 1.97
CA HIS D 152 32.30 -9.67 0.80
C HIS D 152 32.99 -10.23 -0.43
N VAL D 153 32.79 -11.52 -0.64
CA VAL D 153 33.37 -12.19 -1.80
C VAL D 153 32.34 -13.03 -2.56
N GLU D 154 32.57 -13.19 -3.85
CA GLU D 154 31.78 -14.10 -4.67
C GLU D 154 32.73 -15.07 -5.31
N LEU D 155 32.61 -16.34 -4.96
CA LEU D 155 33.42 -17.38 -5.53
C LEU D 155 32.64 -18.06 -6.66
N SER D 156 33.31 -18.25 -7.81
CA SER D 156 32.69 -18.92 -8.95
C SER D 156 33.68 -19.81 -9.68
N TRP D 157 33.17 -20.90 -10.26
CA TRP D 157 33.99 -21.82 -11.02
C TRP D 157 33.77 -21.65 -12.52
N TRP D 158 34.85 -21.76 -13.28
CA TRP D 158 34.80 -21.58 -14.73
C TRP D 158 35.56 -22.69 -15.40
N VAL D 159 34.91 -23.31 -16.36
CA VAL D 159 35.56 -24.32 -17.17
C VAL D 159 35.56 -23.79 -18.60
N ASN D 160 36.72 -23.82 -19.23
CA ASN D 160 36.90 -23.26 -20.57
C ASN D 160 36.15 -21.92 -20.73
N GLY D 161 36.32 -21.02 -19.76
CA GLY D 161 35.77 -19.67 -19.83
C GLY D 161 34.26 -19.56 -19.72
N LYS D 162 33.62 -20.60 -19.21
CA LYS D 162 32.17 -20.59 -19.01
C LYS D 162 31.89 -21.08 -17.60
N GLU D 163 31.02 -20.34 -16.90
CA GLU D 163 30.72 -20.63 -15.49
C GLU D 163 29.98 -21.97 -15.35
N VAL D 164 30.34 -22.73 -14.32
CA VAL D 164 29.67 -23.99 -14.02
C VAL D 164 29.01 -23.96 -12.64
N HIS D 165 27.82 -24.55 -12.55
CA HIS D 165 27.06 -24.54 -11.30
C HIS D 165 26.83 -25.95 -10.82
N SER D 166 26.63 -26.85 -11.77
CA SER D 166 26.49 -28.26 -11.49
C SER D 166 27.76 -28.78 -10.81
N GLY D 167 27.59 -29.61 -9.79
CA GLY D 167 28.69 -30.22 -9.05
C GLY D 167 29.47 -29.24 -8.19
N VAL D 168 28.83 -28.13 -7.82
CA VAL D 168 29.51 -27.11 -7.03
C VAL D 168 28.88 -26.93 -5.65
N CYS D 169 29.72 -26.81 -4.63
CA CYS D 169 29.27 -26.46 -3.28
C CYS D 169 30.24 -25.45 -2.64
N THR D 170 29.69 -24.37 -2.11
CA THR D 170 30.51 -23.36 -1.44
C THR D 170 30.03 -23.07 -0.01
N ASP D 171 30.99 -23.01 0.92
CA ASP D 171 30.70 -22.68 2.30
C ASP D 171 29.66 -21.57 2.36
N PRO D 172 28.59 -21.79 3.13
CA PRO D 172 27.51 -20.82 3.25
C PRO D 172 28.03 -19.51 3.78
N GLN D 173 29.08 -19.61 4.59
CA GLN D 173 29.65 -18.51 5.32
C GLN D 173 31.15 -18.76 5.39
N PRO D 174 31.97 -17.69 5.28
CA PRO D 174 33.42 -17.85 5.44
C PRO D 174 33.78 -18.11 6.90
N LEU D 175 34.98 -18.59 7.16
CA LEU D 175 35.42 -18.78 8.53
C LEU D 175 36.49 -17.74 8.91
N LYS D 176 36.59 -17.44 10.20
CA LYS D 176 37.54 -16.47 10.71
C LYS D 176 38.88 -17.13 11.03
N GLU D 177 39.96 -16.56 10.48
CA GLU D 177 41.30 -17.15 10.58
C GLU D 177 41.95 -17.02 11.95
N GLN D 178 41.51 -16.01 12.70
CA GLN D 178 41.92 -15.80 14.09
C GLN D 178 40.75 -15.21 14.89
N PRO D 179 39.81 -16.07 15.35
CA PRO D 179 38.55 -15.66 15.97
C PRO D 179 38.72 -14.78 17.20
N ALA D 180 39.87 -14.91 17.86
CA ALA D 180 40.22 -14.04 18.98
C ALA D 180 40.26 -12.55 18.59
N LEU D 181 40.78 -12.26 17.40
CA LEU D 181 41.11 -10.88 17.01
C LEU D 181 39.93 -10.04 16.53
N ASN D 182 40.07 -8.72 16.69
CA ASN D 182 38.99 -7.75 16.45
C ASN D 182 38.49 -7.74 14.99
N ASP D 183 39.42 -7.51 14.07
CA ASP D 183 39.08 -7.45 12.65
C ASP D 183 39.70 -8.65 11.90
N SER D 184 39.41 -9.84 12.41
CA SER D 184 39.99 -11.07 11.87
C SER D 184 39.82 -11.16 10.36
N ARG D 185 40.85 -11.68 9.70
CA ARG D 185 40.77 -12.01 8.30
C ARG D 185 40.01 -13.33 8.10
N TYR D 186 39.48 -13.54 6.89
CA TYR D 186 38.61 -14.69 6.60
C TYR D 186 39.22 -15.68 5.62
N SER D 187 38.78 -16.93 5.72
CA SER D 187 39.01 -17.93 4.68
C SER D 187 37.67 -18.50 4.25
N LEU D 188 37.64 -19.11 3.06
CA LEU D 188 36.42 -19.65 2.47
C LEU D 188 36.83 -20.75 1.51
N SER D 189 36.13 -21.89 1.53
CA SER D 189 36.43 -22.96 0.58
C SER D 189 35.25 -23.29 -0.33
N SER D 190 35.57 -23.89 -1.47
CA SER D 190 34.58 -24.34 -2.42
C SER D 190 35.04 -25.64 -3.08
N ARG D 191 34.09 -26.49 -3.45
CA ARG D 191 34.43 -27.73 -4.11
C ARG D 191 33.76 -27.79 -5.48
N LEU D 192 34.47 -28.32 -6.47
CA LEU D 192 33.90 -28.62 -7.80
C LEU D 192 34.13 -30.09 -8.11
N ARG D 193 33.06 -30.84 -8.26
CA ARG D 193 33.21 -32.26 -8.55
C ARG D 193 32.81 -32.62 -9.97
N VAL D 194 33.69 -33.32 -10.66
CA VAL D 194 33.44 -33.74 -12.04
C VAL D 194 33.80 -35.20 -12.19
N SER D 195 33.50 -35.77 -13.36
CA SER D 195 33.86 -37.14 -13.67
C SER D 195 35.36 -37.25 -13.98
N ALA D 196 35.96 -38.37 -13.60
CA ALA D 196 37.39 -38.58 -13.82
C ALA D 196 37.83 -38.30 -15.27
N THR D 197 37.06 -38.80 -16.24
CA THR D 197 37.40 -38.60 -17.65
C THR D 197 37.31 -37.14 -18.10
N PHE D 198 36.57 -36.33 -17.37
CA PHE D 198 36.48 -34.91 -17.66
C PHE D 198 37.74 -34.22 -17.15
N TRP D 199 38.10 -34.50 -15.90
CA TRP D 199 39.34 -34.01 -15.32
C TRP D 199 40.57 -34.52 -16.06
N GLN D 200 40.51 -35.75 -16.58
CA GLN D 200 41.66 -36.36 -17.29
C GLN D 200 41.90 -35.77 -18.69
N ASN D 201 40.99 -34.90 -19.13
CA ASN D 201 41.07 -34.21 -20.43
C ASN D 201 41.96 -32.96 -20.36
N PRO D 202 43.19 -33.05 -20.93
CA PRO D 202 44.17 -31.95 -20.80
C PRO D 202 43.81 -30.66 -21.58
N ARG D 203 42.62 -30.63 -22.17
CA ARG D 203 42.17 -29.49 -22.93
C ARG D 203 41.08 -28.78 -22.16
N ASN D 204 40.87 -29.22 -20.93
CA ASN D 204 39.92 -28.56 -20.04
C ASN D 204 40.58 -27.62 -19.06
N HIS D 205 40.24 -26.34 -19.17
CA HIS D 205 40.83 -25.35 -18.29
C HIS D 205 39.92 -25.09 -17.10
N PHE D 206 40.42 -25.36 -15.90
CA PHE D 206 39.67 -25.12 -14.68
C PHE D 206 40.18 -23.87 -14.00
N ARG D 207 39.25 -23.06 -13.51
CA ARG D 207 39.61 -21.86 -12.82
C ARG D 207 38.67 -21.54 -11.67
N CYS D 208 39.26 -21.24 -10.51
CA CYS D 208 38.50 -20.75 -9.39
C CYS D 208 38.70 -19.26 -9.35
N GLN D 209 37.61 -18.54 -9.14
CA GLN D 209 37.64 -17.08 -9.22
C GLN D 209 36.94 -16.44 -8.04
N VAL D 210 37.64 -15.56 -7.35
CA VAL D 210 37.05 -14.82 -6.26
C VAL D 210 36.94 -13.34 -6.57
N GLN D 211 35.71 -12.84 -6.70
CA GLN D 211 35.47 -11.41 -6.81
C GLN D 211 35.48 -10.82 -5.40
N PHE D 212 36.55 -10.09 -5.09
CA PHE D 212 36.66 -9.40 -3.81
C PHE D 212 36.00 -8.02 -3.92
N TYR D 213 35.36 -7.57 -2.85
CA TYR D 213 34.86 -6.20 -2.81
C TYR D 213 35.60 -5.42 -1.76
N GLY D 214 36.28 -4.37 -2.19
CA GLY D 214 37.15 -3.61 -1.31
C GLY D 214 37.04 -2.12 -1.54
N LEU D 215 38.17 -1.46 -1.62
CA LEU D 215 38.20 -0.03 -1.82
C LEU D 215 37.90 0.36 -3.26
N SER D 216 37.49 1.60 -3.43
CA SER D 216 37.35 2.21 -4.74
C SER D 216 38.62 2.99 -5.07
N GLU D 217 38.84 3.25 -6.35
CA GLU D 217 39.95 4.13 -6.79
C GLU D 217 39.80 5.56 -6.23
N ASN D 218 38.65 5.87 -5.64
CA ASN D 218 38.37 7.18 -5.03
C ASN D 218 38.61 7.23 -3.51
N ASP D 219 38.72 6.06 -2.89
CA ASP D 219 39.00 5.95 -1.45
C ASP D 219 40.46 6.28 -1.16
N GLU D 220 40.71 7.06 -0.09
CA GLU D 220 42.08 7.42 0.30
C GLU D 220 42.81 6.21 0.92
N TRP D 221 44.05 5.98 0.52
CA TRP D 221 44.87 4.90 1.09
C TRP D 221 46.20 5.44 1.57
N THR D 222 46.51 5.26 2.85
CA THR D 222 47.69 5.90 3.43
C THR D 222 48.78 4.94 3.89
N GLN D 223 48.52 3.64 3.78
CA GLN D 223 49.47 2.63 4.21
C GLN D 223 50.49 2.34 3.12
N ASP D 224 51.59 1.68 3.51
CA ASP D 224 52.66 1.35 2.58
C ASP D 224 52.23 0.27 1.59
N ARG D 225 51.72 -0.85 2.11
CA ARG D 225 51.19 -1.94 1.27
C ARG D 225 50.20 -1.49 0.18
N ALA D 226 50.00 -2.34 -0.82
CA ALA D 226 49.13 -2.08 -1.97
C ALA D 226 47.67 -1.83 -1.57
N LYS D 227 47.08 -0.81 -2.16
CA LYS D 227 45.68 -0.43 -1.95
C LYS D 227 44.72 -1.58 -2.26
N PRO D 228 43.93 -1.99 -1.26
CA PRO D 228 43.08 -3.19 -1.34
C PRO D 228 41.74 -2.93 -2.04
N VAL D 229 41.85 -2.56 -3.31
CA VAL D 229 40.72 -2.22 -4.16
C VAL D 229 39.87 -3.43 -4.51
N THR D 230 38.64 -3.18 -4.92
CA THR D 230 37.77 -4.20 -5.49
C THR D 230 38.52 -4.84 -6.64
N GLN D 231 38.57 -6.18 -6.68
CA GLN D 231 39.38 -6.90 -7.67
C GLN D 231 39.03 -8.37 -7.77
N ILE D 232 39.50 -8.99 -8.85
CA ILE D 232 39.39 -10.43 -8.98
C ILE D 232 40.72 -11.10 -8.74
N VAL D 233 40.74 -12.08 -7.85
CA VAL D 233 41.90 -12.94 -7.71
C VAL D 233 41.46 -14.35 -8.04
N SER D 234 42.23 -15.07 -8.85
CA SER D 234 41.87 -16.44 -9.25
C SER D 234 43.02 -17.46 -9.28
N ALA D 235 42.65 -18.73 -9.26
CA ALA D 235 43.61 -19.81 -9.41
C ALA D 235 43.09 -20.76 -10.49
N GLU D 236 44.00 -21.50 -11.09
CA GLU D 236 43.81 -22.05 -12.40
C GLU D 236 44.67 -23.30 -12.54
N ALA D 237 44.11 -24.34 -13.18
CA ALA D 237 44.84 -25.57 -13.51
C ALA D 237 44.20 -26.28 -14.70
N TRP D 238 45.02 -26.98 -15.48
CA TRP D 238 44.52 -27.77 -16.60
C TRP D 238 44.26 -29.23 -16.23
N GLY D 239 43.37 -29.88 -16.95
CA GLY D 239 43.21 -31.33 -16.82
C GLY D 239 44.46 -32.08 -17.23
N ARG D 240 44.55 -33.35 -16.81
CA ARG D 240 45.74 -34.21 -17.05
C ARG D 240 45.41 -35.69 -16.89
N ALA D 241 45.99 -36.53 -17.76
CA ALA D 241 45.69 -37.97 -17.81
C ALA D 241 46.42 -38.80 -16.76
C1 NAG E . -10.86 12.66 10.27
C2 NAG E . -9.87 13.42 11.14
C3 NAG E . -8.48 12.80 11.07
C4 NAG E . -8.53 11.32 11.44
C5 NAG E . -9.61 10.58 10.62
C6 NAG E . -9.87 9.17 11.17
C7 NAG E . -10.00 15.84 11.44
C8 NAG E . -9.87 17.15 10.74
N2 NAG E . -9.78 14.78 10.68
O3 NAG E . -7.60 13.51 11.94
O4 NAG E . -7.25 10.76 11.19
O5 NAG E . -10.87 11.28 10.54
O6 NAG E . -10.77 9.21 12.25
O7 NAG E . -10.31 15.82 12.62
C1 NAG E . -6.56 10.33 12.39
C2 NAG E . -5.55 9.28 12.00
C3 NAG E . -4.60 8.86 13.13
C4 NAG E . -4.10 10.05 13.95
C5 NAG E . -5.21 11.09 14.22
C6 NAG E . -4.61 12.39 14.75
C7 NAG E . -6.15 7.68 10.25
C8 NAG E . -5.24 8.44 9.31
N2 NAG E . -6.25 8.12 11.51
O3 NAG E . -3.50 8.19 12.56
O4 NAG E . -3.54 9.58 15.17
O5 NAG E . -5.91 11.42 13.02
O6 NAG E . -5.61 13.12 15.42
O7 NAG E . -6.79 6.70 9.86
C1 NAG F . -23.68 -3.43 -14.05
C2 NAG F . -23.07 -4.71 -14.62
C3 NAG F . -22.22 -4.41 -15.85
C4 NAG F . -23.00 -3.58 -16.89
C5 NAG F . -23.67 -2.40 -16.19
C6 NAG F . -24.58 -1.57 -17.12
C7 NAG F . -22.72 -6.38 -12.85
C8 NAG F . -21.72 -6.98 -11.90
N2 NAG F . -22.26 -5.39 -13.62
O3 NAG F . -21.77 -5.62 -16.43
O4 NAG F . -22.09 -3.07 -17.83
O5 NAG F . -24.44 -2.84 -15.07
O6 NAG F . -25.44 -0.77 -16.34
O7 NAG F . -23.87 -6.80 -12.89
C1 NAG F . -22.08 -3.74 -19.11
C2 NAG F . -21.56 -2.75 -20.14
C3 NAG F . -21.14 -3.40 -21.47
C4 NAG F . -20.47 -4.78 -21.31
C5 NAG F . -21.22 -5.64 -20.28
C6 NAG F . -20.56 -7.01 -20.03
C7 NAG F . -22.42 -0.41 -20.29
C8 NAG F . -23.63 0.43 -20.56
N2 NAG F . -22.58 -1.74 -20.37
O3 NAG F . -20.24 -2.53 -22.11
O4 NAG F . -20.38 -5.44 -22.56
O5 NAG F . -21.28 -4.91 -19.06
O6 NAG F . -19.92 -7.06 -18.76
O7 NAG F . -21.36 0.15 -20.00
C1 FUC F . -25.11 0.65 -16.33
C2 FUC F . -26.28 1.51 -15.80
C3 FUC F . -26.38 1.41 -14.26
C4 FUC F . -25.06 1.89 -13.69
C5 FUC F . -23.98 0.95 -14.19
C6 FUC F . -22.62 1.34 -13.59
O2 FUC F . -27.50 1.15 -16.43
O3 FUC F . -27.47 2.12 -13.71
O4 FUC F . -24.79 3.22 -14.12
O5 FUC F . -23.91 0.95 -15.61
C1 NAG G . -2.82 21.73 7.31
C2 NAG G . -1.74 22.53 8.05
C3 NAG G . -2.20 23.13 9.38
C4 NAG G . -3.56 23.82 9.22
C5 NAG G . -4.53 22.76 8.67
C6 NAG G . -5.98 23.24 8.68
C7 NAG G . 0.65 22.04 7.99
C8 NAG G . 1.72 21.01 8.25
N2 NAG G . -0.59 21.65 8.26
O3 NAG G . -1.24 24.06 9.80
O4 NAG G . -4.00 24.37 10.45
O5 NAG G . -4.08 22.40 7.37
O6 NAG G . -6.32 23.89 7.48
O7 NAG G . 0.94 23.15 7.56
C1 3TF H . -9.33 -2.00 -1.81
O1 3TF H . -10.07 -0.98 -2.47
C2 3TF H . -8.73 -2.93 -2.87
O2 3TF H . -7.95 -2.13 -3.78
C3 3TF H . -9.84 -3.69 -3.63
O3 3TF H . -9.25 -4.75 -4.39
C4 3TF H . -10.96 -4.28 -2.73
O4 3TF H . -12.14 -4.44 -3.52
C5 3TF H . -11.33 -3.43 -1.50
O5 3TF H . -10.20 -2.73 -0.90
C6 3TF H . -12.00 -4.32 -0.42
O6 3TF H . -11.14 -5.44 -0.11
C7 3TF H . -9.81 0.24 -1.78
O7 3TF H . -10.75 3.39 -2.82
C8 3TF H . -10.96 1.21 -2.02
O8 3TF H . -12.27 0.62 -2.41
C9 3TF H . -10.33 2.06 -3.10
O9 3TF H . -12.56 -0.09 -0.26
C10 3TF H . -11.64 3.80 -3.76
O10 3TF H . -12.46 3.01 -4.25
C11 3TF H . -11.63 5.26 -4.17
C12 3TF H . -12.97 5.65 -4.79
C13 3TF H . -12.73 6.17 -6.19
C14 3TF H . -13.23 7.59 -6.30
C15 3TF H . -12.90 8.14 -7.68
C16 3TF H . -12.38 9.55 -7.54
C17 3TF H . -11.93 10.06 -8.89
C18 3TF H . -10.69 10.89 -8.66
C19 3TF H . -10.80 12.18 -9.42
C20 3TF H . -9.91 13.25 -8.79
C21 3TF H . -8.50 12.76 -8.50
C22 3TF H . -7.74 13.93 -7.86
C23 3TF H . -6.44 13.51 -7.19
C24 3TF H . -5.25 13.96 -8.03
C25 3TF H . -4.91 15.43 -7.73
C26 3TF H . -13.03 0.03 -1.40
C27 3TF H . -14.48 -0.45 -1.70
C28 3TF H . -15.19 0.40 -2.78
C29 3TF H . -16.40 1.17 -2.22
C30 3TF H . -16.76 2.42 -3.05
C31 3TF H . -17.89 3.21 -2.34
C32 3TF H . -18.44 4.39 -3.16
C33 3TF H . -19.74 4.95 -2.54
C34 3TF H . -19.62 6.48 -2.28
C35 3TF H . -20.44 6.99 -1.06
C36 3TF H . -19.66 7.15 0.09
C37 3TF H . -20.20 7.33 1.38
C38 3TF H . -21.58 7.38 1.60
C39 3TF H . -21.95 7.09 3.07
C40 3TF H . -22.50 5.67 3.30
C41 3TF H . -23.92 5.47 2.73
C42 3TF H . -24.83 4.62 3.65
C43 3TF H . -25.68 3.57 2.88
#